data_7XYH
#
_entry.id   7XYH
#
_cell.length_a   46.555
_cell.length_b   62.541
_cell.length_c   74.065
_cell.angle_alpha   81.424
_cell.angle_beta   75.370
_cell.angle_gamma   72.005
#
_symmetry.space_group_name_H-M   'P 1'
#
loop_
_entity.id
_entity.type
_entity.pdbx_description
1 polymer "Casein kinase II subunit alpha'"
2 non-polymer 5-azanyl-3-[(~{Z})-1-cyano-2-(1~{H}-indol-3-yl)ethenyl]-1~{H}-pyrazole-4-carbonitrile
3 non-polymer 1,2-ETHANEDIOL
4 water water
#
_entity_poly.entity_id   1
_entity_poly.type   'polypeptide(L)'
_entity_poly.pdbx_seq_one_letter_code
;GPLGSMPGPAAGSRARVYAEVNSLRSREYWDYEAHVPSWGNQDDYQLVRKLGRGKYSEVFEAINITNNERVVVKILKPVK
KKKIKREVKILENLRGGTNIIKLIDTVKDPVSKTPALVFEYINNTDFKQLYQILTDFDIRFYMYELLKALDYCHSKGIMH
RDVKPHNVMIDHQQKKLRLIDWGLAEFYHPAQEYNVRVASRYFKGPELLVDYQMYDYSLDMWSLGCMLASMIFRREPFFH
GQDNYDQLVRIAKVLGTEELYGYLKKYHIDLDPHFNDILGQHSRKRWENFIHSENRHLVSPEALDLLDKLLRYDHQQRLT
AKEAMEHPYFYPVVKEQSQ
;
_entity_poly.pdbx_strand_id   A,B
#
loop_
_chem_comp.id
_chem_comp.type
_chem_comp.name
_chem_comp.formula
8BH non-polymer 5-azanyl-3-[(~{Z})-1-cyano-2-(1~{H}-indol-3-yl)ethenyl]-1~{H}-pyrazole-4-carbonitrile 'C15 H10 N6'
EDO non-polymer 1,2-ETHANEDIOL 'C2 H6 O2'
#
# COMPACT_ATOMS: atom_id res chain seq x y z
N SER A 13 -12.57 -10.39 9.61
CA SER A 13 -11.67 -11.15 10.55
C SER A 13 -11.72 -12.65 10.43
N ARG A 14 -12.88 -13.22 10.17
CA ARG A 14 -12.89 -14.60 9.77
C ARG A 14 -13.91 -14.84 8.67
N ALA A 15 -13.54 -15.71 7.73
CA ALA A 15 -14.41 -16.09 6.64
C ALA A 15 -15.66 -16.79 7.15
N ARG A 16 -16.76 -16.54 6.47
CA ARG A 16 -18.03 -17.04 6.93
C ARG A 16 -18.35 -18.42 6.42
N VAL A 17 -17.54 -18.97 5.56
CA VAL A 17 -17.72 -20.28 4.99
C VAL A 17 -16.31 -20.85 4.94
N TYR A 18 -16.21 -22.18 5.01
CA TYR A 18 -14.97 -22.91 4.78
C TYR A 18 -13.84 -22.32 5.56
N ALA A 19 -14.13 -21.60 6.63
CA ALA A 19 -13.04 -20.90 7.31
C ALA A 19 -11.90 -21.88 7.68
N GLU A 20 -12.25 -23.08 8.16
CA GLU A 20 -11.26 -23.98 8.73
C GLU A 20 -10.81 -25.07 7.77
N VAL A 21 -11.21 -24.99 6.51
CA VAL A 21 -11.14 -26.22 5.74
C VAL A 21 -9.71 -26.69 5.50
N ASN A 22 -8.71 -25.84 5.60
CA ASN A 22 -7.36 -26.31 5.34
C ASN A 22 -6.75 -26.97 6.57
N SER A 23 -7.18 -26.53 7.76
CA SER A 23 -6.69 -27.09 9.00
C SER A 23 -7.24 -28.49 9.24
N LEU A 24 -8.34 -28.86 8.56
CA LEU A 24 -8.93 -30.17 8.64
C LEU A 24 -8.39 -31.13 7.57
N ARG A 25 -7.42 -30.71 6.81
CA ARG A 25 -6.78 -31.49 5.78
C ARG A 25 -5.34 -31.74 6.21
N SER A 26 -4.73 -32.70 5.54
CA SER A 26 -3.32 -32.96 5.76
C SER A 26 -2.51 -31.69 5.51
N ARG A 27 -1.48 -31.50 6.34
CA ARG A 27 -0.59 -30.37 6.14
C ARG A 27 -0.03 -30.38 4.72
N GLU A 28 0.19 -31.57 4.16
CA GLU A 28 0.70 -31.66 2.82
C GLU A 28 -0.15 -30.83 1.86
N TYR A 29 -1.47 -30.80 2.10
CA TYR A 29 -2.40 -30.15 1.18
C TYR A 29 -2.08 -28.69 0.99
N TRP A 30 -1.76 -27.97 2.05
CA TRP A 30 -1.65 -26.52 1.98
C TRP A 30 -0.23 -26.06 2.23
N ASP A 31 0.72 -26.96 2.40
CA ASP A 31 2.11 -26.58 2.70
C ASP A 31 2.88 -26.61 1.39
N TYR A 32 2.79 -25.51 0.65
CA TYR A 32 3.28 -25.54 -0.72
C TYR A 32 4.79 -25.48 -0.79
N GLU A 33 5.43 -24.83 0.18
CA GLU A 33 6.88 -24.77 0.16
C GLU A 33 7.50 -26.15 0.08
N ALA A 34 6.80 -27.16 0.58
CA ALA A 34 7.30 -28.52 0.61
C ALA A 34 6.89 -29.33 -0.59
N HIS A 35 6.18 -28.73 -1.54
CA HIS A 35 5.79 -29.47 -2.72
C HIS A 35 6.97 -29.50 -3.65
N VAL A 36 7.13 -30.62 -4.33
CA VAL A 36 8.19 -30.79 -5.32
C VAL A 36 7.56 -31.02 -6.66
N PRO A 37 7.61 -30.08 -7.58
CA PRO A 37 7.19 -30.38 -8.94
C PRO A 37 8.23 -31.22 -9.65
N SER A 38 7.76 -32.12 -10.48
CA SER A 38 8.60 -32.73 -11.50
C SER A 38 8.65 -31.80 -12.69
N TRP A 39 9.85 -31.35 -13.07
CA TRP A 39 10.05 -30.42 -14.18
C TRP A 39 10.39 -31.20 -15.44
N GLY A 40 9.45 -31.21 -16.40
CA GLY A 40 9.64 -31.79 -17.71
C GLY A 40 10.49 -30.93 -18.61
N ASN A 41 10.40 -31.21 -19.91
CA ASN A 41 11.23 -30.58 -20.94
C ASN A 41 10.33 -29.62 -21.71
N GLN A 42 10.70 -28.34 -21.71
CA GLN A 42 9.88 -27.35 -22.42
C GLN A 42 10.15 -27.34 -23.92
N ASP A 43 10.83 -28.35 -24.44
CA ASP A 43 11.08 -28.44 -25.87
C ASP A 43 10.06 -29.32 -26.60
N ASP A 44 9.41 -30.25 -25.91
CA ASP A 44 8.29 -30.96 -26.53
C ASP A 44 7.22 -29.96 -26.96
N TYR A 45 7.17 -28.80 -26.32
CA TYR A 45 6.18 -27.77 -26.64
C TYR A 45 6.84 -26.72 -27.50
N GLN A 46 6.19 -26.36 -28.60
CA GLN A 46 6.74 -25.44 -29.58
C GLN A 46 5.94 -24.15 -29.55
N LEU A 47 6.60 -23.06 -29.18
CA LEU A 47 5.93 -21.76 -29.19
C LEU A 47 5.38 -21.48 -30.57
N VAL A 48 4.34 -20.68 -30.62
CA VAL A 48 3.70 -20.30 -31.86
C VAL A 48 3.56 -18.78 -31.85
N ARG A 49 3.08 -18.25 -30.73
CA ARG A 49 2.59 -16.88 -30.61
C ARG A 49 2.33 -16.35 -29.21
N LYS A 50 3.05 -15.28 -28.89
CA LYS A 50 3.11 -14.63 -27.59
C LYS A 50 1.80 -13.92 -27.26
N LEU A 51 0.80 -14.69 -26.79
CA LEU A 51 -0.48 -14.06 -26.41
C LEU A 51 -0.24 -13.24 -25.17
N GLY A 52 0.81 -12.44 -25.19
CA GLY A 52 0.84 -11.30 -24.31
C GLY A 52 1.76 -11.47 -23.15
N ARG A 53 2.62 -10.47 -22.93
CA ARG A 53 3.57 -10.55 -21.86
C ARG A 53 2.96 -9.93 -20.60
N GLY A 54 3.67 -10.05 -19.50
CA GLY A 54 3.12 -9.64 -18.23
C GLY A 54 4.16 -9.37 -17.18
N LYS A 55 3.72 -9.47 -15.91
CA LYS A 55 4.52 -9.12 -14.75
C LYS A 55 5.72 -10.04 -14.61
N TYR A 56 5.54 -11.12 -13.85
CA TYR A 56 6.46 -12.25 -13.84
C TYR A 56 6.06 -13.31 -14.87
N SER A 57 5.50 -12.90 -16.00
CA SER A 57 4.94 -13.88 -16.92
C SER A 57 4.96 -13.33 -18.35
N GLU A 58 5.04 -14.26 -19.30
CA GLU A 58 4.76 -14.04 -20.71
C GLU A 58 4.06 -15.30 -21.19
N VAL A 59 3.06 -15.17 -22.04
CA VAL A 59 2.17 -16.30 -22.33
C VAL A 59 2.08 -16.54 -23.83
N PHE A 60 2.14 -17.82 -24.21
CA PHE A 60 2.32 -18.22 -25.59
C PHE A 60 1.39 -19.39 -25.92
N GLU A 61 1.10 -19.52 -27.21
CA GLU A 61 0.38 -20.64 -27.79
C GLU A 61 1.37 -21.71 -28.25
N ALA A 62 0.91 -22.97 -28.45
CA ALA A 62 1.82 -24.05 -28.81
C ALA A 62 1.18 -25.42 -29.01
N ILE A 63 1.96 -26.44 -29.41
CA ILE A 63 1.45 -27.79 -29.63
C ILE A 63 2.27 -28.80 -28.85
N ASN A 64 1.59 -29.63 -28.07
CA ASN A 64 2.15 -30.84 -27.51
C ASN A 64 2.45 -31.77 -28.67
N ILE A 65 3.72 -31.80 -29.10
CA ILE A 65 4.08 -32.60 -30.24
C ILE A 65 3.87 -34.08 -29.97
N THR A 66 3.63 -34.48 -28.70
CA THR A 66 3.69 -35.90 -28.36
C THR A 66 2.48 -36.65 -28.89
N ASN A 67 1.48 -35.88 -29.41
CA ASN A 67 0.21 -36.26 -30.02
C ASN A 67 -0.41 -35.08 -30.83
N ASN A 68 -0.17 -33.82 -30.43
CA ASN A 68 -0.68 -32.60 -31.07
C ASN A 68 -1.94 -32.13 -30.35
N GLU A 69 -1.81 -31.77 -29.09
CA GLU A 69 -2.86 -31.11 -28.33
C GLU A 69 -2.47 -29.63 -28.20
N ARG A 70 -3.33 -28.74 -28.68
CA ARG A 70 -3.07 -27.30 -28.55
C ARG A 70 -2.89 -26.94 -27.08
N VAL A 71 -2.08 -25.91 -26.81
CA VAL A 71 -1.82 -25.52 -25.43
C VAL A 71 -1.39 -24.05 -25.29
N VAL A 72 -1.35 -23.59 -24.03
CA VAL A 72 -0.87 -22.27 -23.66
C VAL A 72 0.25 -22.45 -22.66
N VAL A 73 1.27 -21.58 -22.74
CA VAL A 73 2.53 -21.81 -22.04
C VAL A 73 2.90 -20.52 -21.32
N LYS A 74 2.98 -20.59 -20.00
CA LYS A 74 3.22 -19.43 -19.17
C LYS A 74 4.61 -19.60 -18.58
N ILE A 75 5.50 -18.67 -18.90
CA ILE A 75 6.92 -18.81 -18.58
C ILE A 75 7.19 -17.95 -17.36
N LEU A 76 7.33 -18.60 -16.21
CA LEU A 76 7.54 -17.91 -14.95
C LEU A 76 8.87 -17.17 -15.01
N LYS A 77 9.15 -16.39 -13.98
CA LYS A 77 10.40 -15.63 -13.89
C LYS A 77 11.05 -16.05 -12.57
N PRO A 78 11.94 -17.09 -12.62
CA PRO A 78 12.27 -17.90 -11.42
C PRO A 78 13.21 -17.23 -10.42
N VAL A 79 12.95 -15.97 -10.12
CA VAL A 79 13.61 -15.33 -8.98
C VAL A 79 12.72 -15.41 -7.74
N LYS A 80 11.69 -16.26 -7.76
CA LYS A 80 10.86 -16.48 -6.58
C LYS A 80 10.36 -17.94 -6.62
N LYS A 81 11.17 -18.83 -6.05
CA LYS A 81 10.80 -20.23 -5.97
C LYS A 81 9.46 -20.41 -5.27
N LYS A 82 9.20 -19.61 -4.23
CA LYS A 82 8.07 -19.86 -3.35
C LYS A 82 6.76 -19.55 -4.06
N LYS A 83 6.67 -18.40 -4.71
CA LYS A 83 5.50 -18.12 -5.50
C LYS A 83 5.25 -19.24 -6.51
N ILE A 84 6.31 -19.82 -7.07
CA ILE A 84 6.14 -20.90 -8.05
C ILE A 84 5.49 -22.11 -7.43
N LYS A 85 5.99 -22.53 -6.26
CA LYS A 85 5.40 -23.70 -5.63
C LYS A 85 3.95 -23.45 -5.24
N ARG A 86 3.65 -22.24 -4.73
CA ARG A 86 2.28 -21.90 -4.34
C ARG A 86 1.32 -22.14 -5.47
N GLU A 87 1.66 -21.66 -6.68
CA GLU A 87 0.74 -21.77 -7.81
C GLU A 87 0.64 -23.21 -8.29
N VAL A 88 1.78 -23.88 -8.47
CA VAL A 88 1.72 -25.27 -8.87
C VAL A 88 0.86 -26.06 -7.89
N LYS A 89 1.12 -25.90 -6.60
CA LYS A 89 0.37 -26.71 -5.63
C LYS A 89 -1.12 -26.42 -5.70
N ILE A 90 -1.48 -25.16 -5.93
CA ILE A 90 -2.89 -24.83 -5.95
C ILE A 90 -3.54 -25.46 -7.19
N LEU A 91 -2.84 -25.44 -8.31
CA LEU A 91 -3.48 -26.04 -9.46
C LEU A 91 -3.59 -27.55 -9.30
N GLU A 92 -2.58 -28.18 -8.70
CA GLU A 92 -2.70 -29.59 -8.35
C GLU A 92 -3.96 -29.84 -7.53
N ASN A 93 -4.23 -28.99 -6.52
CA ASN A 93 -5.42 -29.16 -5.68
C ASN A 93 -6.73 -28.91 -6.42
N LEU A 94 -6.72 -28.11 -7.48
CA LEU A 94 -7.95 -27.79 -8.20
C LEU A 94 -8.09 -28.55 -9.51
N ARG A 95 -7.22 -29.54 -9.76
CA ARG A 95 -7.29 -30.34 -10.97
C ARG A 95 -8.66 -30.94 -11.15
N GLY A 96 -9.23 -30.73 -12.33
CA GLY A 96 -10.53 -31.29 -12.60
C GLY A 96 -11.66 -30.64 -11.82
N GLY A 97 -11.44 -29.44 -11.31
CA GLY A 97 -12.52 -28.73 -10.65
C GLY A 97 -13.36 -27.96 -11.64
N THR A 98 -14.67 -27.91 -11.38
CA THR A 98 -15.64 -27.15 -12.15
C THR A 98 -15.07 -25.85 -12.69
N ASN A 99 -14.82 -25.79 -14.00
CA ASN A 99 -14.52 -24.56 -14.74
C ASN A 99 -13.16 -23.98 -14.45
N ILE A 100 -12.29 -24.74 -13.84
CA ILE A 100 -10.95 -24.25 -13.60
C ILE A 100 -10.07 -24.63 -14.78
N ILE A 101 -9.15 -23.74 -15.13
CA ILE A 101 -8.24 -24.02 -16.23
C ILE A 101 -7.40 -25.23 -15.88
N LYS A 102 -7.41 -26.23 -16.75
CA LYS A 102 -6.67 -27.46 -16.50
C LYS A 102 -5.19 -27.21 -16.69
N LEU A 103 -4.40 -27.43 -15.65
CA LEU A 103 -2.96 -27.42 -15.79
C LEU A 103 -2.51 -28.79 -16.28
N ILE A 104 -1.74 -28.80 -17.38
CA ILE A 104 -1.36 -30.03 -18.04
C ILE A 104 -0.01 -30.49 -17.52
N ASP A 105 0.99 -29.60 -17.60
CA ASP A 105 2.31 -29.98 -17.14
C ASP A 105 3.04 -28.77 -16.58
N THR A 106 4.13 -29.09 -15.91
CA THR A 106 5.12 -28.17 -15.42
C THR A 106 6.42 -28.55 -16.10
N VAL A 107 7.11 -27.58 -16.72
CA VAL A 107 8.28 -27.84 -17.54
C VAL A 107 9.31 -26.74 -17.35
N LYS A 108 10.52 -26.98 -17.91
CA LYS A 108 11.64 -26.07 -17.89
C LYS A 108 12.36 -26.16 -19.23
N ASP A 109 13.13 -25.11 -19.54
CA ASP A 109 13.92 -25.10 -20.76
C ASP A 109 15.25 -25.77 -20.51
N PRO A 110 15.58 -26.85 -21.19
CA PRO A 110 16.86 -27.52 -20.94
C PRO A 110 18.02 -26.56 -20.85
N VAL A 111 18.42 -25.94 -21.96
CA VAL A 111 19.61 -25.11 -21.95
C VAL A 111 19.46 -23.90 -21.03
N SER A 112 18.23 -23.51 -20.70
CA SER A 112 18.02 -22.28 -19.95
C SER A 112 17.53 -22.50 -18.53
N LYS A 113 16.94 -23.65 -18.23
CA LYS A 113 16.61 -24.06 -16.87
C LYS A 113 15.55 -23.17 -16.22
N THR A 114 14.77 -22.44 -17.01
CA THR A 114 13.74 -21.61 -16.45
C THR A 114 12.39 -22.29 -16.52
N PRO A 115 11.57 -22.21 -15.46
CA PRO A 115 10.37 -23.04 -15.38
C PRO A 115 9.19 -22.40 -16.10
N ALA A 116 8.14 -23.20 -16.23
CA ALA A 116 6.99 -22.77 -17.00
C ALA A 116 5.87 -23.75 -16.80
N LEU A 117 4.66 -23.26 -17.01
CA LEU A 117 3.45 -24.02 -16.78
C LEU A 117 2.67 -24.09 -18.09
N VAL A 118 2.03 -25.22 -18.33
CA VAL A 118 1.37 -25.50 -19.60
C VAL A 118 -0.11 -25.73 -19.35
N PHE A 119 -0.94 -24.95 -20.05
CA PHE A 119 -2.37 -24.88 -19.76
C PHE A 119 -3.22 -25.23 -20.97
N GLU A 120 -4.31 -25.96 -20.71
CA GLU A 120 -5.29 -26.22 -21.75
C GLU A 120 -5.60 -24.91 -22.46
N TYR A 121 -5.64 -24.98 -23.79
CA TYR A 121 -5.94 -23.82 -24.61
C TYR A 121 -7.43 -23.50 -24.55
N ILE A 122 -7.77 -22.25 -24.84
CA ILE A 122 -9.17 -21.84 -24.87
C ILE A 122 -9.34 -20.79 -25.97
N ASN A 123 -10.19 -21.11 -26.94
CA ASN A 123 -10.68 -20.15 -27.94
C ASN A 123 -11.64 -19.20 -27.26
N ASN A 124 -11.11 -18.31 -26.44
CA ASN A 124 -11.96 -17.32 -25.79
C ASN A 124 -12.23 -16.22 -26.80
N THR A 125 -13.38 -15.57 -26.62
CA THR A 125 -13.67 -14.33 -27.32
C THR A 125 -13.48 -13.18 -26.32
N ASP A 126 -12.79 -12.14 -26.77
CA ASP A 126 -12.28 -11.12 -25.86
C ASP A 126 -13.45 -10.40 -25.21
N PHE A 127 -13.40 -10.26 -23.87
CA PHE A 127 -14.51 -9.59 -23.19
C PHE A 127 -14.82 -8.22 -23.79
N LYS A 128 -13.82 -7.54 -24.38
CA LYS A 128 -14.07 -6.22 -24.94
C LYS A 128 -14.96 -6.24 -26.18
N GLN A 129 -15.07 -7.40 -26.83
CA GLN A 129 -15.99 -7.57 -27.94
C GLN A 129 -17.16 -8.49 -27.60
N LEU A 130 -17.07 -9.25 -26.51
CA LEU A 130 -18.15 -10.15 -26.12
C LEU A 130 -19.15 -9.53 -25.17
N TYR A 131 -18.71 -8.60 -24.31
CA TYR A 131 -19.66 -7.92 -23.44
C TYR A 131 -20.57 -7.03 -24.24
N GLN A 132 -20.17 -6.66 -25.44
CA GLN A 132 -21.01 -5.82 -26.28
C GLN A 132 -22.29 -6.53 -26.70
N ILE A 133 -22.30 -7.86 -26.67
CA ILE A 133 -23.33 -8.65 -27.32
C ILE A 133 -24.05 -9.56 -26.36
N LEU A 134 -23.72 -9.53 -25.08
CA LEU A 134 -24.35 -10.43 -24.15
C LEU A 134 -25.81 -10.03 -23.95
N THR A 135 -26.68 -11.03 -23.96
CA THR A 135 -28.05 -10.85 -23.57
C THR A 135 -28.18 -10.98 -22.05
N ASP A 136 -29.34 -10.58 -21.54
CA ASP A 136 -29.60 -10.73 -20.12
C ASP A 136 -29.46 -12.18 -19.67
N PHE A 137 -29.77 -13.13 -20.55
CA PHE A 137 -29.59 -14.54 -20.19
C PHE A 137 -28.11 -14.93 -20.21
N ASP A 138 -27.39 -14.56 -21.27
CA ASP A 138 -25.95 -14.81 -21.27
C ASP A 138 -25.33 -14.39 -19.94
N ILE A 139 -25.61 -13.16 -19.51
CA ILE A 139 -24.96 -12.65 -18.31
C ILE A 139 -25.26 -13.57 -17.15
N ARG A 140 -26.50 -14.01 -17.00
CA ARG A 140 -26.83 -14.85 -15.87
C ARG A 140 -26.13 -16.21 -15.99
N PHE A 141 -26.12 -16.77 -17.20
CA PHE A 141 -25.50 -18.07 -17.43
C PHE A 141 -24.00 -18.06 -17.12
N TYR A 142 -23.27 -17.11 -17.65
CA TYR A 142 -21.84 -17.15 -17.45
C TYR A 142 -21.48 -16.83 -16.01
N MET A 143 -22.21 -15.90 -15.39
CA MET A 143 -21.96 -15.56 -14.01
C MET A 143 -22.17 -16.76 -13.10
N TYR A 144 -23.24 -17.53 -13.33
CA TYR A 144 -23.48 -18.74 -12.58
C TYR A 144 -22.27 -19.65 -12.70
N GLU A 145 -21.72 -19.75 -13.91
CA GLU A 145 -20.62 -20.64 -14.20
C GLU A 145 -19.34 -20.13 -13.56
N LEU A 146 -19.18 -18.81 -13.50
CA LEU A 146 -18.05 -18.28 -12.76
C LEU A 146 -18.21 -18.53 -11.27
N LEU A 147 -19.46 -18.49 -10.78
CA LEU A 147 -19.74 -18.73 -9.38
C LEU A 147 -19.37 -20.17 -9.00
N LYS A 148 -19.83 -21.17 -9.77
CA LYS A 148 -19.41 -22.55 -9.59
C LYS A 148 -17.88 -22.67 -9.47
N ALA A 149 -17.14 -21.98 -10.34
CA ALA A 149 -15.68 -22.02 -10.23
C ALA A 149 -15.22 -21.51 -8.87
N LEU A 150 -15.74 -20.35 -8.45
CA LEU A 150 -15.32 -19.72 -7.22
C LEU A 150 -15.72 -20.52 -5.97
N ASP A 151 -16.91 -21.16 -5.97
CA ASP A 151 -17.33 -21.95 -4.81
C ASP A 151 -16.47 -23.19 -4.69
N TYR A 152 -15.99 -23.69 -5.82
CA TYR A 152 -15.09 -24.82 -5.80
C TYR A 152 -13.78 -24.45 -5.12
N CYS A 153 -13.07 -23.47 -5.65
CA CYS A 153 -11.74 -23.17 -5.11
C CYS A 153 -11.81 -22.70 -3.65
N HIS A 154 -12.79 -21.87 -3.32
CA HIS A 154 -13.03 -21.50 -1.92
C HIS A 154 -13.18 -22.73 -1.02
N SER A 155 -14.03 -23.68 -1.40
CA SER A 155 -14.23 -24.90 -0.62
C SER A 155 -13.00 -25.82 -0.64
N LYS A 156 -12.09 -25.62 -1.57
CA LYS A 156 -10.78 -26.23 -1.55
C LYS A 156 -9.75 -25.35 -0.83
N GLY A 157 -10.22 -24.34 -0.11
CA GLY A 157 -9.40 -23.57 0.78
C GLY A 157 -8.68 -22.40 0.17
N ILE A 158 -9.12 -21.92 -0.98
CA ILE A 158 -8.25 -21.14 -1.84
C ILE A 158 -8.97 -19.88 -2.27
N MET A 159 -8.25 -18.76 -2.16
CA MET A 159 -8.68 -17.48 -2.72
C MET A 159 -7.97 -17.23 -4.04
N HIS A 160 -8.73 -16.86 -5.09
CA HIS A 160 -8.14 -16.57 -6.38
C HIS A 160 -7.32 -15.29 -6.35
N ARG A 161 -7.94 -14.21 -5.84
CA ARG A 161 -7.37 -12.90 -5.57
C ARG A 161 -7.06 -12.12 -6.85
N ASP A 162 -7.67 -12.46 -7.98
CA ASP A 162 -7.44 -11.66 -9.19
C ASP A 162 -8.61 -11.91 -10.15
N VAL A 163 -9.80 -11.97 -9.62
CA VAL A 163 -10.95 -12.12 -10.48
C VAL A 163 -11.12 -10.82 -11.25
N LYS A 164 -11.29 -10.93 -12.53
CA LYS A 164 -11.42 -9.81 -13.43
C LYS A 164 -11.67 -10.31 -14.84
N PRO A 165 -12.20 -9.45 -15.72
CA PRO A 165 -12.60 -9.92 -17.03
C PRO A 165 -11.52 -10.64 -17.79
N HIS A 166 -10.24 -10.21 -17.79
CA HIS A 166 -9.19 -10.91 -18.55
C HIS A 166 -8.95 -12.33 -18.05
N ASN A 167 -9.27 -12.62 -16.79
CA ASN A 167 -9.04 -13.93 -16.23
C ASN A 167 -10.28 -14.81 -16.24
N VAL A 168 -11.38 -14.35 -16.82
CA VAL A 168 -12.54 -15.20 -17.04
C VAL A 168 -12.65 -15.48 -18.55
N MET A 169 -12.00 -16.55 -19.00
CA MET A 169 -12.00 -16.89 -20.42
C MET A 169 -13.32 -17.59 -20.79
N ILE A 170 -13.93 -17.11 -21.87
CA ILE A 170 -15.28 -17.53 -22.25
C ILE A 170 -15.25 -17.89 -23.73
N ASP A 171 -15.53 -19.16 -24.03
CA ASP A 171 -15.75 -19.60 -25.40
C ASP A 171 -17.26 -19.56 -25.63
N HIS A 172 -17.71 -18.49 -26.26
CA HIS A 172 -19.14 -18.27 -26.43
C HIS A 172 -19.80 -19.35 -27.27
N GLN A 173 -19.11 -19.84 -28.31
CA GLN A 173 -19.75 -20.80 -29.19
C GLN A 173 -19.87 -22.15 -28.51
N GLN A 174 -18.84 -22.57 -27.78
CA GLN A 174 -18.98 -23.79 -26.97
C GLN A 174 -19.71 -23.53 -25.68
N LYS A 175 -19.95 -22.27 -25.31
CA LYS A 175 -20.60 -21.88 -24.05
C LYS A 175 -19.83 -22.47 -22.87
N LYS A 176 -18.50 -22.30 -22.92
CA LYS A 176 -17.56 -22.75 -21.89
C LYS A 176 -16.88 -21.57 -21.20
N LEU A 177 -16.60 -21.74 -19.91
CA LEU A 177 -15.94 -20.72 -19.10
C LEU A 177 -14.79 -21.33 -18.32
N ARG A 178 -13.67 -20.62 -18.29
CA ARG A 178 -12.49 -21.07 -17.58
C ARG A 178 -11.90 -19.88 -16.86
N LEU A 179 -11.79 -19.98 -15.55
CA LEU A 179 -11.06 -18.98 -14.79
C LEU A 179 -9.61 -19.43 -14.62
N ILE A 180 -8.71 -18.48 -14.74
CA ILE A 180 -7.31 -18.69 -15.08
C ILE A 180 -6.47 -17.77 -14.23
N ASP A 181 -5.15 -17.78 -14.48
CA ASP A 181 -4.10 -17.00 -13.82
C ASP A 181 -4.15 -17.08 -12.30
N TRP A 182 -3.59 -18.18 -11.76
CA TRP A 182 -3.58 -18.46 -10.35
C TRP A 182 -2.28 -18.07 -9.66
N GLY A 183 -1.44 -17.29 -10.32
CA GLY A 183 -0.20 -16.80 -9.75
C GLY A 183 -0.39 -15.86 -8.57
N LEU A 184 -1.63 -15.45 -8.29
CA LEU A 184 -1.88 -14.67 -7.08
C LEU A 184 -2.71 -15.43 -6.07
N ALA A 185 -3.20 -16.61 -6.43
CA ALA A 185 -4.07 -17.36 -5.54
C ALA A 185 -3.30 -17.79 -4.30
N GLU A 186 -4.04 -18.09 -3.23
CA GLU A 186 -3.42 -18.25 -1.93
C GLU A 186 -4.36 -19.04 -1.02
N PHE A 187 -3.77 -19.91 -0.20
CA PHE A 187 -4.49 -20.71 0.78
C PHE A 187 -5.06 -19.82 1.87
N TYR A 188 -6.33 -19.96 2.17
CA TYR A 188 -6.93 -19.22 3.29
C TYR A 188 -6.76 -19.99 4.60
N HIS A 189 -6.21 -19.33 5.62
CA HIS A 189 -6.14 -19.85 7.02
C HIS A 189 -6.69 -18.79 7.95
N PRO A 190 -7.52 -19.13 8.92
CA PRO A 190 -8.10 -18.05 9.77
C PRO A 190 -7.08 -17.19 10.54
N ALA A 191 -7.33 -15.85 10.58
CA ALA A 191 -6.54 -14.88 11.33
C ALA A 191 -5.26 -14.55 10.59
N GLN A 192 -4.90 -15.28 9.52
CA GLN A 192 -3.69 -15.01 8.77
C GLN A 192 -3.78 -13.64 8.10
N GLU A 193 -2.69 -12.87 8.12
CA GLU A 193 -2.64 -11.55 7.50
C GLU A 193 -2.01 -11.61 6.11
N TYR A 194 -2.70 -11.06 5.11
CA TYR A 194 -2.32 -11.24 3.73
C TYR A 194 -1.80 -9.95 3.13
N ASN A 195 -1.15 -10.09 1.99
CA ASN A 195 -0.71 -8.91 1.24
C ASN A 195 -1.93 -8.31 0.53
N VAL A 196 -2.02 -6.98 0.52
CA VAL A 196 -3.11 -6.29 -0.19
C VAL A 196 -2.78 -6.05 -1.65
N ARG A 197 -1.55 -6.31 -2.12
CA ARG A 197 -1.05 -6.02 -3.49
C ARG A 197 -1.48 -7.21 -4.33
N VAL A 198 -2.76 -7.44 -4.28
CA VAL A 198 -3.39 -8.49 -5.06
C VAL A 198 -4.52 -7.81 -5.86
N ALA A 199 -4.94 -8.45 -6.93
CA ALA A 199 -6.08 -8.04 -7.75
C ALA A 199 -5.79 -6.76 -8.55
N SER A 200 -6.49 -6.61 -9.67
CA SER A 200 -6.36 -5.41 -10.50
C SER A 200 -6.97 -4.23 -9.74
N ARG A 201 -6.48 -3.02 -10.00
CA ARG A 201 -6.99 -1.87 -9.26
C ARG A 201 -8.52 -1.83 -9.28
N TYR A 202 -9.13 -2.06 -10.46
CA TYR A 202 -10.56 -1.84 -10.63
C TYR A 202 -11.41 -2.85 -9.86
N PHE A 203 -10.84 -3.97 -9.44
CA PHE A 203 -11.59 -5.08 -8.88
C PHE A 203 -11.14 -5.34 -7.46
N LYS A 204 -10.29 -4.47 -6.90
CA LYS A 204 -9.84 -4.51 -5.52
C LYS A 204 -10.97 -4.21 -4.57
N GLY A 205 -11.25 -5.16 -3.63
CA GLY A 205 -12.13 -4.84 -2.50
C GLY A 205 -11.65 -3.69 -1.63
N PRO A 206 -12.59 -3.04 -0.96
CA PRO A 206 -12.18 -1.89 -0.13
C PRO A 206 -11.24 -2.34 0.99
N GLU A 207 -11.35 -3.60 1.42
CA GLU A 207 -10.42 -4.07 2.44
C GLU A 207 -8.97 -3.87 1.98
N LEU A 208 -8.65 -4.26 0.74
CA LEU A 208 -7.30 -4.01 0.22
C LEU A 208 -6.97 -2.52 0.15
N LEU A 209 -7.91 -1.69 -0.28
CA LEU A 209 -7.61 -0.28 -0.43
C LEU A 209 -7.44 0.45 0.90
N VAL A 210 -7.97 -0.09 1.98
CA VAL A 210 -7.74 0.51 3.29
C VAL A 210 -6.64 -0.24 4.06
N ASP A 211 -5.94 -1.19 3.39
CA ASP A 211 -4.84 -2.00 3.94
C ASP A 211 -5.23 -2.89 5.11
N TYR A 212 -6.40 -3.54 5.04
CA TYR A 212 -6.82 -4.49 6.05
C TYR A 212 -6.39 -5.90 5.60
N GLN A 213 -5.42 -6.48 6.31
CA GLN A 213 -4.75 -7.69 5.84
C GLN A 213 -5.51 -8.96 6.14
N MET A 214 -6.46 -8.92 7.06
CA MET A 214 -7.14 -10.14 7.52
C MET A 214 -8.33 -10.51 6.64
N TYR A 215 -8.11 -10.60 5.35
CA TYR A 215 -9.23 -10.78 4.44
C TYR A 215 -9.35 -12.25 4.08
N ASP A 216 -10.35 -12.58 3.29
CA ASP A 216 -10.66 -13.94 3.00
C ASP A 216 -11.28 -14.07 1.61
N TYR A 217 -12.00 -15.18 1.39
CA TYR A 217 -12.52 -15.50 0.08
C TYR A 217 -13.47 -14.41 -0.40
N SER A 218 -14.04 -13.65 0.54
CA SER A 218 -15.08 -12.69 0.25
C SER A 218 -14.56 -11.59 -0.68
N LEU A 219 -13.24 -11.46 -0.80
CA LEU A 219 -12.60 -10.52 -1.72
C LEU A 219 -12.94 -10.82 -3.18
N ASP A 220 -12.83 -12.08 -3.59
CA ASP A 220 -13.27 -12.54 -4.90
C ASP A 220 -14.73 -12.21 -5.16
N MET A 221 -15.57 -12.24 -4.12
CA MET A 221 -16.97 -11.89 -4.29
C MET A 221 -17.15 -10.41 -4.59
N TRP A 222 -16.35 -9.52 -4.02
CA TRP A 222 -16.35 -8.12 -4.44
C TRP A 222 -15.93 -7.96 -5.88
N SER A 223 -14.79 -8.56 -6.24
CA SER A 223 -14.31 -8.60 -7.61
C SER A 223 -15.43 -9.03 -8.53
N LEU A 224 -16.18 -10.04 -8.15
CA LEU A 224 -17.26 -10.54 -8.96
C LEU A 224 -18.42 -9.56 -9.08
N GLY A 225 -18.79 -8.90 -7.96
CA GLY A 225 -19.70 -7.78 -8.04
C GLY A 225 -19.29 -6.80 -9.13
N CYS A 226 -18.05 -6.28 -9.03
CA CYS A 226 -17.52 -5.35 -10.01
C CYS A 226 -17.76 -5.84 -11.43
N MET A 227 -17.44 -7.11 -11.69
CA MET A 227 -17.70 -7.66 -13.02
C MET A 227 -19.18 -7.60 -13.36
N LEU A 228 -20.03 -7.96 -12.41
CA LEU A 228 -21.47 -8.01 -12.65
C LEU A 228 -22.03 -6.63 -13.03
N ALA A 229 -21.68 -5.62 -12.25
CA ALA A 229 -22.08 -4.24 -12.50
C ALA A 229 -21.62 -3.74 -13.88
N SER A 230 -20.35 -3.90 -14.20
CA SER A 230 -19.87 -3.60 -15.53
C SER A 230 -20.68 -4.29 -16.62
N MET A 231 -21.17 -5.50 -16.38
CA MET A 231 -21.89 -6.25 -17.42
C MET A 231 -23.34 -5.77 -17.60
N ILE A 232 -24.06 -5.45 -16.52
CA ILE A 232 -25.48 -5.12 -16.64
C ILE A 232 -25.69 -3.62 -16.86
N PHE A 233 -24.69 -2.81 -16.56
CA PHE A 233 -24.71 -1.40 -16.83
C PHE A 233 -23.83 -1.01 -18.01
N ARG A 234 -23.02 -1.93 -18.53
CA ARG A 234 -22.17 -1.71 -19.70
C ARG A 234 -21.18 -0.57 -19.48
N ARG A 235 -20.68 -0.44 -18.25
CA ARG A 235 -19.63 0.51 -17.90
C ARG A 235 -18.46 -0.33 -17.43
N GLU A 236 -17.43 -0.48 -18.25
CA GLU A 236 -16.35 -1.45 -18.02
C GLU A 236 -15.01 -0.73 -18.08
N PRO A 237 -14.26 -0.65 -16.96
CA PRO A 237 -14.61 -1.16 -15.63
C PRO A 237 -15.72 -0.35 -15.01
N PHE A 238 -16.33 -0.84 -13.93
CA PHE A 238 -17.43 -0.08 -13.33
C PHE A 238 -16.89 1.04 -12.45
N PHE A 239 -15.86 0.74 -11.65
CA PHE A 239 -15.26 1.71 -10.71
C PHE A 239 -13.88 1.98 -11.32
N HIS A 240 -13.75 3.09 -12.04
CA HIS A 240 -12.59 3.31 -12.89
C HIS A 240 -11.55 4.20 -12.22
N GLY A 241 -10.86 3.66 -11.20
CA GLY A 241 -9.93 4.47 -10.42
C GLY A 241 -8.61 4.81 -11.11
N GLN A 242 -8.04 5.96 -10.72
CA GLN A 242 -6.75 6.41 -11.23
C GLN A 242 -5.56 5.85 -10.46
N ASP A 243 -5.76 5.59 -9.17
CA ASP A 243 -4.81 4.94 -8.26
C ASP A 243 -5.61 4.30 -7.13
N ASN A 244 -4.93 3.78 -6.12
CA ASN A 244 -5.64 3.08 -5.06
C ASN A 244 -6.45 4.03 -4.19
N TYR A 245 -5.95 5.25 -3.98
CA TYR A 245 -6.73 6.27 -3.30
C TYR A 245 -7.98 6.65 -4.09
N ASP A 246 -7.82 7.04 -5.36
CA ASP A 246 -8.97 7.45 -6.15
C ASP A 246 -9.98 6.32 -6.30
N GLN A 247 -9.49 5.06 -6.35
CA GLN A 247 -10.40 3.91 -6.48
C GLN A 247 -11.36 3.83 -5.31
N LEU A 248 -10.85 3.97 -4.07
CA LEU A 248 -11.73 3.96 -2.90
C LEU A 248 -12.70 5.13 -2.94
N VAL A 249 -12.23 6.29 -3.39
CA VAL A 249 -13.14 7.43 -3.58
C VAL A 249 -14.25 7.10 -4.58
N ARG A 250 -13.89 6.53 -5.72
CA ARG A 250 -14.97 6.19 -6.64
C ARG A 250 -15.99 5.31 -5.97
N ILE A 251 -15.54 4.34 -5.18
CA ILE A 251 -16.49 3.40 -4.59
C ILE A 251 -17.39 4.14 -3.64
N ALA A 252 -16.82 5.06 -2.87
CA ALA A 252 -17.56 5.73 -1.81
C ALA A 252 -18.60 6.68 -2.35
N LYS A 253 -18.42 7.17 -3.58
CA LYS A 253 -19.41 8.02 -4.17
C LYS A 253 -20.67 7.23 -4.47
N VAL A 254 -20.56 5.92 -4.56
CA VAL A 254 -21.70 5.05 -4.88
C VAL A 254 -22.26 4.40 -3.62
N LEU A 255 -21.42 3.80 -2.80
CA LEU A 255 -21.85 3.15 -1.57
C LEU A 255 -22.13 4.14 -0.43
N GLY A 256 -21.78 5.43 -0.58
CA GLY A 256 -21.88 6.36 0.53
C GLY A 256 -20.66 6.38 1.43
N THR A 257 -20.26 7.57 1.86
CA THR A 257 -19.11 7.69 2.74
C THR A 257 -19.44 7.38 4.19
N GLU A 258 -20.67 7.53 4.61
CA GLU A 258 -20.97 7.20 5.99
C GLU A 258 -20.90 5.70 6.17
N GLU A 259 -21.40 4.93 5.20
CA GLU A 259 -21.35 3.47 5.26
C GLU A 259 -19.91 2.93 5.15
N LEU A 260 -18.95 3.76 4.75
CA LEU A 260 -17.53 3.43 4.82
C LEU A 260 -16.95 3.64 6.20
N TYR A 261 -17.25 4.78 6.84
CA TYR A 261 -16.68 5.01 8.18
C TYR A 261 -17.21 3.96 9.13
N GLY A 262 -18.47 3.57 8.99
CA GLY A 262 -19.02 2.49 9.79
C GLY A 262 -18.24 1.18 9.70
N TYR A 263 -17.86 0.79 8.48
CA TYR A 263 -16.99 -0.37 8.28
C TYR A 263 -15.67 -0.22 9.00
N LEU A 264 -15.00 0.90 8.79
CA LEU A 264 -13.66 1.06 9.36
C LEU A 264 -13.75 0.98 10.87
N LYS A 265 -14.83 1.52 11.40
CA LYS A 265 -15.07 1.51 12.83
C LYS A 265 -15.24 0.07 13.29
N LYS A 266 -16.18 -0.66 12.71
CA LYS A 266 -16.39 -2.06 13.03
C LYS A 266 -15.09 -2.84 13.11
N TYR A 267 -14.18 -2.66 12.16
CA TYR A 267 -12.96 -3.46 12.14
C TYR A 267 -11.75 -2.71 12.65
N HIS A 268 -11.93 -1.56 13.27
CA HIS A 268 -10.81 -0.88 13.93
C HIS A 268 -9.71 -0.51 12.94
N ILE A 269 -10.11 -0.04 11.76
CA ILE A 269 -9.19 0.16 10.64
C ILE A 269 -8.65 1.58 10.63
N ASP A 270 -7.34 1.70 10.68
CA ASP A 270 -6.67 2.99 10.68
C ASP A 270 -6.72 3.57 9.28
N LEU A 271 -7.28 4.77 9.13
CA LEU A 271 -7.46 5.39 7.81
C LEU A 271 -6.36 6.42 7.54
N ASP A 272 -5.60 6.20 6.45
CA ASP A 272 -4.52 7.10 6.06
C ASP A 272 -5.04 8.54 6.03
N PRO A 273 -4.35 9.49 6.67
CA PRO A 273 -4.86 10.87 6.71
C PRO A 273 -5.03 11.54 5.35
N HIS A 274 -4.48 10.97 4.26
CA HIS A 274 -4.59 11.55 2.93
C HIS A 274 -5.98 11.35 2.34
N PHE A 275 -6.78 10.47 2.92
CA PHE A 275 -8.15 10.28 2.47
C PHE A 275 -9.10 11.38 2.92
N ASN A 276 -8.81 12.05 4.03
CA ASN A 276 -9.71 13.11 4.48
C ASN A 276 -9.91 14.14 3.39
N ASP A 277 -8.81 14.64 2.83
CA ASP A 277 -8.86 15.73 1.87
C ASP A 277 -9.59 15.35 0.58
N ILE A 278 -9.82 14.06 0.32
CA ILE A 278 -10.36 13.63 -0.97
C ILE A 278 -11.65 12.82 -0.87
N LEU A 279 -12.03 12.27 0.28
CA LEU A 279 -13.23 11.43 0.30
C LEU A 279 -14.50 12.27 0.20
N GLY A 280 -14.52 13.45 0.80
CA GLY A 280 -15.76 14.24 0.85
C GLY A 280 -16.83 13.52 1.61
N GLN A 281 -18.05 14.02 1.46
CA GLN A 281 -19.23 13.36 2.02
C GLN A 281 -20.13 13.04 0.83
N HIS A 282 -20.53 11.76 0.74
CA HIS A 282 -21.39 11.32 -0.32
C HIS A 282 -22.45 10.41 0.29
N SER A 283 -23.66 10.47 -0.28
CA SER A 283 -24.70 9.57 0.16
C SER A 283 -24.68 8.29 -0.64
N ARG A 284 -25.35 7.26 -0.10
CA ARG A 284 -25.42 6.00 -0.83
C ARG A 284 -26.32 6.21 -2.01
N LYS A 285 -25.84 5.83 -3.19
CA LYS A 285 -26.61 6.03 -4.39
C LYS A 285 -27.57 4.89 -4.59
N ARG A 286 -28.57 5.16 -5.40
CA ARG A 286 -29.52 4.15 -5.79
C ARG A 286 -28.91 3.41 -6.97
N TRP A 287 -28.87 2.08 -6.91
CA TRP A 287 -28.37 1.34 -8.05
C TRP A 287 -29.22 1.57 -9.29
N GLU A 288 -30.39 2.21 -9.20
CA GLU A 288 -31.11 2.54 -10.44
C GLU A 288 -30.54 3.76 -11.11
N ASN A 289 -29.74 4.56 -10.41
CA ASN A 289 -29.07 5.71 -10.98
C ASN A 289 -28.20 5.35 -12.16
N PHE A 290 -27.95 4.06 -12.40
CA PHE A 290 -27.05 3.70 -13.48
C PHE A 290 -27.79 3.17 -14.67
N ILE A 291 -29.09 3.05 -14.62
CA ILE A 291 -29.82 2.49 -15.75
C ILE A 291 -30.05 3.61 -16.78
N HIS A 292 -29.90 3.31 -18.08
CA HIS A 292 -30.30 4.20 -19.18
C HIS A 292 -30.64 3.28 -20.35
N SER A 293 -31.13 3.88 -21.44
CA SER A 293 -31.75 3.09 -22.49
C SER A 293 -30.80 2.09 -23.15
N GLU A 294 -29.49 2.34 -23.09
CA GLU A 294 -28.54 1.42 -23.74
C GLU A 294 -28.36 0.13 -22.96
N ASN A 295 -28.67 0.10 -21.66
CA ASN A 295 -28.49 -1.10 -20.83
C ASN A 295 -29.75 -1.56 -20.10
N ARG A 296 -30.90 -0.94 -20.37
CA ARG A 296 -32.15 -1.28 -19.70
C ARG A 296 -32.50 -2.75 -19.91
N HIS A 297 -32.25 -3.26 -21.11
CA HIS A 297 -32.58 -4.64 -21.40
C HIS A 297 -31.78 -5.66 -20.56
N LEU A 298 -30.84 -5.23 -19.72
CA LEU A 298 -29.97 -6.14 -18.95
C LEU A 298 -30.16 -6.03 -17.45
N VAL A 299 -31.06 -5.17 -17.00
CA VAL A 299 -31.14 -4.79 -15.61
C VAL A 299 -32.55 -5.07 -15.15
N SER A 300 -32.65 -5.80 -14.06
CA SER A 300 -33.88 -6.33 -13.50
C SER A 300 -33.80 -6.17 -11.99
N PRO A 301 -34.95 -6.17 -11.32
CA PRO A 301 -34.91 -6.00 -9.85
C PRO A 301 -34.09 -7.08 -9.14
N GLU A 302 -34.16 -8.31 -9.64
CA GLU A 302 -33.38 -9.40 -9.07
C GLU A 302 -31.90 -9.23 -9.35
N ALA A 303 -31.55 -8.52 -10.43
CA ALA A 303 -30.14 -8.26 -10.77
C ALA A 303 -29.53 -7.24 -9.83
N LEU A 304 -30.29 -6.21 -9.48
CA LEU A 304 -29.80 -5.21 -8.52
C LEU A 304 -29.87 -5.69 -7.09
N ASP A 305 -30.73 -6.64 -6.78
CA ASP A 305 -30.68 -7.18 -5.44
C ASP A 305 -29.38 -7.96 -5.25
N LEU A 306 -29.09 -8.89 -6.18
CA LEU A 306 -27.79 -9.57 -6.16
C LEU A 306 -26.66 -8.57 -6.06
N LEU A 307 -26.72 -7.49 -6.84
CA LEU A 307 -25.59 -6.57 -6.86
C LEU A 307 -25.41 -5.91 -5.52
N ASP A 308 -26.48 -5.39 -4.94
CA ASP A 308 -26.38 -4.73 -3.64
C ASP A 308 -25.78 -5.68 -2.60
N LYS A 309 -26.04 -6.97 -2.71
CA LYS A 309 -25.52 -7.89 -1.72
C LYS A 309 -24.12 -8.42 -2.05
N LEU A 310 -23.59 -8.09 -3.23
CA LEU A 310 -22.18 -8.38 -3.51
C LEU A 310 -21.27 -7.21 -3.17
N LEU A 311 -21.63 -6.01 -3.58
CA LEU A 311 -20.77 -4.85 -3.36
C LEU A 311 -21.18 -4.18 -2.04
N ARG A 312 -20.61 -4.67 -0.93
CA ARG A 312 -20.75 -4.11 0.43
C ARG A 312 -19.36 -3.78 0.93
N TYR A 313 -19.23 -2.74 1.74
CA TYR A 313 -17.95 -2.50 2.37
C TYR A 313 -17.56 -3.70 3.24
N ASP A 314 -18.45 -4.08 4.19
CA ASP A 314 -18.23 -5.21 5.08
C ASP A 314 -18.05 -6.53 4.35
N HIS A 315 -16.80 -6.89 4.17
CA HIS A 315 -16.50 -8.13 3.46
C HIS A 315 -17.21 -9.34 4.09
N GLN A 316 -17.47 -9.28 5.39
CA GLN A 316 -18.20 -10.36 6.05
C GLN A 316 -19.66 -10.42 5.65
N GLN A 317 -20.27 -9.30 5.36
CA GLN A 317 -21.66 -9.37 4.98
C GLN A 317 -21.85 -9.77 3.52
N ARG A 318 -20.77 -9.91 2.76
CA ARG A 318 -20.90 -10.20 1.33
C ARG A 318 -21.50 -11.58 1.13
N LEU A 319 -22.45 -11.67 0.22
CA LEU A 319 -22.91 -12.99 -0.23
C LEU A 319 -21.72 -13.90 -0.58
N THR A 320 -21.72 -15.12 -0.01
CA THR A 320 -20.76 -16.11 -0.48
C THR A 320 -21.09 -16.59 -1.88
N ALA A 321 -20.17 -17.39 -2.47
CA ALA A 321 -20.44 -17.98 -3.79
C ALA A 321 -21.70 -18.84 -3.78
N LYS A 322 -21.90 -19.68 -2.76
CA LYS A 322 -23.07 -20.53 -2.77
C LYS A 322 -24.36 -19.74 -2.53
N GLU A 323 -24.35 -18.75 -1.59
CA GLU A 323 -25.53 -17.91 -1.38
C GLU A 323 -25.91 -17.22 -2.70
N ALA A 324 -24.91 -16.68 -3.39
CA ALA A 324 -25.14 -16.00 -4.67
C ALA A 324 -25.73 -16.96 -5.71
N MET A 325 -25.22 -18.19 -5.81
CA MET A 325 -25.78 -19.13 -6.78
C MET A 325 -27.25 -19.43 -6.50
N GLU A 326 -27.70 -19.25 -5.27
CA GLU A 326 -29.10 -19.48 -4.94
C GLU A 326 -29.99 -18.29 -5.32
N HIS A 327 -29.43 -17.10 -5.55
CA HIS A 327 -30.22 -15.89 -5.83
C HIS A 327 -31.24 -16.06 -6.96
N PRO A 328 -32.41 -15.46 -6.80
CA PRO A 328 -33.40 -15.44 -7.89
C PRO A 328 -32.85 -14.93 -9.22
N TYR A 329 -31.82 -14.08 -9.22
CA TYR A 329 -31.23 -13.68 -10.48
C TYR A 329 -30.85 -14.89 -11.31
N PHE A 330 -30.58 -16.02 -10.67
CA PHE A 330 -30.12 -17.17 -11.41
C PHE A 330 -31.21 -18.21 -11.69
N TYR A 331 -32.41 -18.08 -11.13
CA TYR A 331 -33.45 -19.09 -11.41
C TYR A 331 -33.59 -19.41 -12.90
N PRO A 332 -33.48 -18.46 -13.83
CA PRO A 332 -33.48 -18.83 -15.25
C PRO A 332 -32.36 -19.80 -15.66
N VAL A 333 -31.22 -19.80 -14.96
CA VAL A 333 -30.10 -20.65 -15.35
C VAL A 333 -30.23 -22.02 -14.69
N VAL A 334 -30.85 -22.07 -13.52
CA VAL A 334 -31.11 -23.32 -12.83
C VAL A 334 -31.98 -24.23 -13.69
N LYS A 335 -33.16 -23.76 -14.07
CA LYS A 335 -34.10 -24.63 -14.78
C LYS A 335 -33.52 -25.15 -16.10
N GLU A 336 -32.75 -24.31 -16.82
CA GLU A 336 -32.19 -24.70 -18.12
C GLU A 336 -30.92 -25.59 -18.01
N GLN A 337 -30.66 -26.20 -16.85
CA GLN A 337 -29.43 -26.95 -16.65
C GLN A 337 -29.37 -28.19 -17.56
N SER B 13 18.06 -1.11 -0.66
CA SER B 13 17.89 -2.55 -0.47
C SER B 13 18.60 -2.97 0.82
N ARG B 14 19.64 -2.24 1.21
CA ARG B 14 20.23 -2.35 2.52
C ARG B 14 20.72 -0.98 2.93
N ALA B 15 20.46 -0.56 4.17
CA ALA B 15 21.03 0.68 4.67
C ALA B 15 22.55 0.67 4.58
N ARG B 16 23.12 1.82 4.19
CA ARG B 16 24.58 2.02 4.20
C ARG B 16 25.20 2.21 5.59
N VAL B 17 24.43 2.61 6.60
CA VAL B 17 24.91 2.77 7.97
C VAL B 17 23.87 2.16 8.90
N TYR B 18 24.27 2.05 10.16
CA TYR B 18 23.50 1.45 11.24
C TYR B 18 22.66 0.27 10.83
N ALA B 19 23.14 -0.52 9.87
CA ALA B 19 22.29 -1.52 9.23
C ALA B 19 21.96 -2.66 10.19
N GLU B 20 22.94 -3.17 10.92
CA GLU B 20 22.69 -4.31 11.80
C GLU B 20 22.38 -3.85 13.21
N VAL B 21 22.20 -2.56 13.41
CA VAL B 21 22.32 -2.00 14.76
C VAL B 21 21.33 -2.69 15.70
N ASN B 22 20.17 -3.08 15.21
CA ASN B 22 19.14 -3.65 16.05
C ASN B 22 19.38 -5.12 16.39
N SER B 23 19.94 -5.88 15.47
CA SER B 23 20.24 -7.28 15.73
C SER B 23 21.40 -7.50 16.71
N LEU B 24 22.25 -6.52 16.91
CA LEU B 24 23.29 -6.47 17.92
C LEU B 24 22.78 -6.12 19.29
N ARG B 25 21.51 -5.83 19.40
CA ARG B 25 20.90 -5.45 20.65
C ARG B 25 20.00 -6.56 21.16
N SER B 26 19.73 -6.52 22.46
CA SER B 26 18.81 -7.48 23.04
C SER B 26 17.48 -7.40 22.29
N ARG B 27 16.87 -8.56 22.06
CA ARG B 27 15.57 -8.61 21.43
C ARG B 27 14.56 -7.72 22.16
N GLU B 28 14.76 -7.47 23.46
CA GLU B 28 13.88 -6.60 24.22
C GLU B 28 13.81 -5.19 23.64
N TYR B 29 14.90 -4.72 23.04
CA TYR B 29 14.98 -3.34 22.57
C TYR B 29 13.98 -3.05 21.45
N TRP B 30 13.88 -3.96 20.46
CA TRP B 30 13.12 -3.72 19.23
C TRP B 30 11.83 -4.50 19.14
N ASP B 31 11.59 -5.41 20.08
CA ASP B 31 10.36 -6.22 20.13
C ASP B 31 9.28 -5.45 20.92
N TYR B 32 8.76 -4.39 20.27
CA TYR B 32 7.79 -3.53 20.90
C TYR B 32 6.47 -4.25 21.18
N GLU B 33 6.13 -5.28 20.41
CA GLU B 33 4.91 -6.03 20.69
C GLU B 33 4.96 -6.68 22.06
N ALA B 34 6.16 -6.94 22.57
CA ALA B 34 6.31 -7.43 23.93
C ALA B 34 6.22 -6.32 24.97
N HIS B 35 6.38 -5.06 24.58
CA HIS B 35 6.43 -3.98 25.58
C HIS B 35 5.07 -3.80 26.23
N VAL B 36 5.10 -3.52 27.52
CA VAL B 36 3.88 -3.33 28.29
C VAL B 36 3.94 -1.98 28.98
N PRO B 37 3.36 -0.96 28.36
CA PRO B 37 3.31 0.35 29.00
C PRO B 37 2.51 0.31 30.29
N SER B 38 2.86 1.20 31.20
CA SER B 38 2.16 1.34 32.47
C SER B 38 1.34 2.62 32.41
N TRP B 39 0.02 2.49 32.51
CA TRP B 39 -0.90 3.60 32.30
C TRP B 39 -1.23 4.27 33.62
N GLY B 40 -0.72 5.49 33.79
CA GLY B 40 -1.07 6.34 34.90
C GLY B 40 -2.33 7.12 34.66
N ASN B 41 -2.60 8.07 35.58
CA ASN B 41 -3.84 8.83 35.61
C ASN B 41 -3.70 10.16 34.89
N GLN B 42 -4.67 10.47 34.05
CA GLN B 42 -4.66 11.67 33.21
C GLN B 42 -5.42 12.83 33.85
N ASP B 43 -6.09 12.63 34.98
CA ASP B 43 -6.60 13.77 35.74
C ASP B 43 -5.50 14.45 36.54
N ASP B 44 -4.34 13.81 36.68
CA ASP B 44 -3.15 14.50 37.16
C ASP B 44 -2.78 15.70 36.28
N TYR B 45 -3.27 15.75 35.04
CA TYR B 45 -2.95 16.82 34.10
C TYR B 45 -4.22 17.58 33.74
N GLN B 46 -4.16 18.90 33.87
CA GLN B 46 -5.29 19.76 33.59
C GLN B 46 -5.08 20.41 32.22
N LEU B 47 -6.03 20.17 31.32
CA LEU B 47 -5.93 20.64 29.94
C LEU B 47 -6.29 22.11 29.87
N VAL B 48 -5.49 22.85 29.12
CA VAL B 48 -5.45 24.31 29.17
C VAL B 48 -5.90 24.95 27.85
N ARG B 49 -5.39 24.44 26.74
CA ARG B 49 -5.73 24.92 25.39
C ARG B 49 -5.29 23.87 24.36
N LYS B 50 -5.99 23.83 23.22
CA LYS B 50 -5.72 22.85 22.16
C LYS B 50 -4.68 23.39 21.18
N LEU B 51 -4.10 22.45 20.38
CA LEU B 51 -3.05 22.80 19.42
C LEU B 51 -3.13 22.06 18.08
N GLY B 52 -4.10 21.18 17.88
CA GLY B 52 -4.31 20.56 16.58
C GLY B 52 -5.13 19.30 16.70
N ARG B 53 -5.77 18.93 15.60
CA ARG B 53 -6.56 17.71 15.53
C ARG B 53 -6.16 16.92 14.29
N GLY B 54 -5.79 15.65 14.50
CA GLY B 54 -5.31 14.79 13.44
C GLY B 54 -5.94 13.41 13.49
N LYS B 55 -5.35 12.46 12.75
CA LYS B 55 -5.91 11.11 12.67
C LYS B 55 -5.91 10.43 14.04
N TYR B 56 -4.73 10.31 14.65
CA TYR B 56 -4.61 9.64 15.94
C TYR B 56 -4.73 10.57 17.13
N SER B 57 -4.73 11.90 16.92
CA SER B 57 -4.42 12.81 18.00
C SER B 57 -5.24 14.09 18.00
N GLU B 58 -5.58 14.52 19.20
CA GLU B 58 -5.82 15.91 19.55
C GLU B 58 -4.84 16.20 20.68
N VAL B 59 -4.24 17.39 20.69
CA VAL B 59 -2.95 17.53 21.35
C VAL B 59 -3.00 18.24 22.71
N PHE B 60 -3.38 19.51 22.76
CA PHE B 60 -3.58 20.17 24.05
C PHE B 60 -2.34 20.46 24.88
N GLU B 61 -2.14 21.72 25.24
CA GLU B 61 -1.24 22.09 26.34
C GLU B 61 -1.93 21.80 27.67
N ALA B 62 -1.14 21.44 28.68
CA ALA B 62 -1.69 21.08 29.97
C ALA B 62 -0.73 21.49 31.07
N ILE B 63 -1.20 21.34 32.28
CA ILE B 63 -0.41 21.70 33.45
C ILE B 63 -0.50 20.58 34.47
N ASN B 64 0.67 20.15 34.93
CA ASN B 64 0.83 19.06 35.90
C ASN B 64 0.45 19.63 37.25
N ILE B 65 -0.77 19.36 37.68
CA ILE B 65 -1.25 19.95 38.92
C ILE B 65 -0.27 19.72 40.06
N THR B 66 0.47 18.62 40.04
CA THR B 66 1.28 18.26 41.20
C THR B 66 2.63 18.98 41.25
N ASN B 67 3.17 19.44 40.11
CA ASN B 67 4.36 20.30 40.09
C ASN B 67 4.19 21.55 39.23
N ASN B 68 2.98 21.81 38.73
CA ASN B 68 2.67 22.97 37.88
C ASN B 68 3.57 23.04 36.64
N GLU B 69 4.19 21.93 36.24
CA GLU B 69 4.98 21.91 35.01
C GLU B 69 4.07 21.95 33.79
N ARG B 70 4.35 22.90 32.90
CA ARG B 70 3.60 23.04 31.65
C ARG B 70 3.98 21.90 30.71
N VAL B 71 2.99 21.16 30.20
CA VAL B 71 3.27 19.98 29.40
C VAL B 71 2.43 19.90 28.14
N VAL B 72 2.48 18.76 27.44
CA VAL B 72 1.68 18.49 26.25
C VAL B 72 1.18 17.06 26.30
N VAL B 73 -0.07 16.86 25.88
CA VAL B 73 -0.77 15.59 26.10
C VAL B 73 -1.38 15.12 24.79
N LYS B 74 -0.64 14.32 24.04
CA LYS B 74 -1.16 13.73 22.80
C LYS B 74 -2.10 12.57 23.14
N ILE B 75 -3.31 12.62 22.60
CA ILE B 75 -4.29 11.57 22.83
C ILE B 75 -4.18 10.55 21.70
N LEU B 76 -4.61 9.32 21.97
CA LEU B 76 -4.44 8.22 21.03
C LEU B 76 -5.77 7.52 20.80
N LYS B 77 -5.89 6.89 19.63
CA LYS B 77 -7.05 6.07 19.28
C LYS B 77 -6.79 4.63 19.71
N PRO B 78 -7.35 4.21 20.85
CA PRO B 78 -6.79 3.04 21.56
C PRO B 78 -6.79 1.74 20.77
N VAL B 79 -7.73 1.56 19.87
CA VAL B 79 -7.92 0.26 19.25
C VAL B 79 -6.69 -0.20 18.48
N LYS B 80 -5.74 0.70 18.24
CA LYS B 80 -4.47 0.38 17.57
C LYS B 80 -3.44 -0.09 18.61
N LYS B 81 -3.74 -1.23 19.22
CA LYS B 81 -2.96 -1.68 20.38
C LYS B 81 -1.49 -1.84 20.04
N LYS B 82 -1.20 -2.40 18.87
CA LYS B 82 0.19 -2.64 18.50
C LYS B 82 0.91 -1.35 18.13
N LYS B 83 0.24 -0.43 17.43
CA LYS B 83 0.87 0.85 17.12
C LYS B 83 1.20 1.65 18.37
N ILE B 84 0.43 1.47 19.45
CA ILE B 84 0.70 2.28 20.64
C ILE B 84 1.95 1.80 21.31
N LYS B 85 2.14 0.48 21.38
CA LYS B 85 3.38 -0.07 21.92
C LYS B 85 4.56 0.46 21.15
N ARG B 86 4.48 0.37 19.82
CA ARG B 86 5.58 0.78 18.97
C ARG B 86 6.05 2.18 19.33
N GLU B 87 5.11 3.10 19.49
CA GLU B 87 5.46 4.47 19.71
C GLU B 87 6.00 4.70 21.13
N VAL B 88 5.40 4.08 22.13
CA VAL B 88 5.96 4.22 23.47
C VAL B 88 7.35 3.62 23.52
N LYS B 89 7.51 2.42 22.97
CA LYS B 89 8.81 1.77 22.99
C LYS B 89 9.85 2.64 22.33
N ILE B 90 9.53 3.18 21.17
CA ILE B 90 10.49 3.99 20.45
C ILE B 90 10.87 5.20 21.28
N LEU B 91 9.92 5.76 22.03
CA LEU B 91 10.20 6.96 22.80
C LEU B 91 11.03 6.66 24.05
N GLU B 92 10.71 5.59 24.77
CA GLU B 92 11.61 5.17 25.83
C GLU B 92 13.01 4.93 25.27
N ASN B 93 13.11 4.28 24.12
CA ASN B 93 14.43 4.01 23.57
C ASN B 93 15.16 5.29 23.20
N LEU B 94 14.45 6.32 22.77
CA LEU B 94 15.11 7.55 22.38
C LEU B 94 15.13 8.60 23.46
N ARG B 95 14.64 8.30 24.66
CA ARG B 95 14.62 9.30 25.71
C ARG B 95 16.04 9.75 26.03
N GLY B 96 16.21 11.05 26.20
CA GLY B 96 17.53 11.62 26.30
C GLY B 96 18.24 11.83 24.98
N GLY B 97 17.70 11.37 23.86
CA GLY B 97 18.33 11.66 22.59
C GLY B 97 18.40 13.16 22.34
N THR B 98 19.45 13.56 21.62
CA THR B 98 19.65 14.93 21.14
C THR B 98 18.43 15.46 20.38
N ASN B 99 17.81 16.52 20.92
CA ASN B 99 16.69 17.19 20.26
C ASN B 99 15.58 16.23 19.89
N ILE B 100 15.41 15.18 20.67
CA ILE B 100 14.26 14.31 20.58
C ILE B 100 13.28 14.74 21.67
N ILE B 101 12.02 14.93 21.29
CA ILE B 101 11.00 15.25 22.26
C ILE B 101 10.96 14.20 23.38
N LYS B 102 11.04 14.70 24.61
CA LYS B 102 11.07 13.90 25.80
C LYS B 102 9.68 13.39 26.10
N LEU B 103 9.56 12.09 26.26
CA LEU B 103 8.33 11.51 26.74
C LEU B 103 8.37 11.53 28.26
N ILE B 104 7.35 12.12 28.89
CA ILE B 104 7.29 12.21 30.33
C ILE B 104 6.47 11.08 30.95
N ASP B 105 5.34 10.75 30.35
CA ASP B 105 4.48 9.76 30.98
C ASP B 105 3.46 9.26 29.98
N THR B 106 2.95 8.08 30.28
CA THR B 106 1.88 7.42 29.56
C THR B 106 0.73 7.21 30.54
N VAL B 107 -0.45 7.68 30.15
CA VAL B 107 -1.55 7.84 31.09
C VAL B 107 -2.86 7.57 30.37
N LYS B 108 -3.86 7.15 31.13
CA LYS B 108 -5.18 6.89 30.60
C LYS B 108 -6.19 7.85 31.25
N ASP B 109 -7.13 8.31 30.48
CA ASP B 109 -8.20 9.09 31.06
C ASP B 109 -9.03 8.15 31.94
N PRO B 110 -9.33 8.54 33.17
CA PRO B 110 -9.87 7.55 34.12
C PRO B 110 -11.32 7.20 33.88
N VAL B 111 -12.06 7.99 33.09
CA VAL B 111 -13.46 7.66 32.83
C VAL B 111 -13.68 6.72 31.64
N SER B 112 -12.65 6.47 30.82
CA SER B 112 -12.85 5.72 29.58
C SER B 112 -11.68 4.83 29.19
N LYS B 113 -10.64 4.70 30.02
CA LYS B 113 -9.44 3.94 29.67
C LYS B 113 -8.88 4.39 28.32
N THR B 114 -9.04 5.67 27.99
CA THR B 114 -8.47 6.21 26.77
C THR B 114 -7.02 6.60 27.02
N PRO B 115 -6.06 6.00 26.33
CA PRO B 115 -4.65 6.33 26.60
C PRO B 115 -4.22 7.64 25.97
N ALA B 116 -3.15 8.18 26.53
CA ALA B 116 -2.58 9.45 26.09
C ALA B 116 -1.09 9.49 26.43
N LEU B 117 -0.37 10.35 25.71
CA LEU B 117 1.05 10.54 25.92
C LEU B 117 1.33 11.93 26.44
N VAL B 118 2.29 12.03 27.35
CA VAL B 118 2.67 13.29 27.96
C VAL B 118 4.07 13.64 27.53
N PHE B 119 4.24 14.87 27.00
CA PHE B 119 5.51 15.35 26.50
C PHE B 119 5.87 16.69 27.15
N GLU B 120 7.16 17.01 27.12
CA GLU B 120 7.62 18.35 27.46
C GLU B 120 6.99 19.38 26.52
N TYR B 121 6.83 20.58 27.05
CA TYR B 121 6.31 21.67 26.26
C TYR B 121 7.45 22.42 25.57
N ILE B 122 7.20 22.91 24.37
CA ILE B 122 8.14 23.80 23.71
C ILE B 122 7.35 24.98 23.17
N ASN B 123 7.82 26.19 23.46
CA ASN B 123 7.16 27.39 23.00
C ASN B 123 7.63 27.60 21.58
N ASN B 124 6.88 27.03 20.66
CA ASN B 124 7.34 26.93 19.29
C ASN B 124 6.79 28.04 18.42
N THR B 125 7.42 28.20 17.28
CA THR B 125 7.12 29.24 16.29
C THR B 125 6.63 28.54 15.04
N ASP B 126 5.34 28.70 14.73
CA ASP B 126 4.77 28.14 13.52
C ASP B 126 5.72 28.32 12.34
N PHE B 127 5.86 27.27 11.52
CA PHE B 127 6.90 27.30 10.50
C PHE B 127 6.51 28.24 9.35
N LYS B 128 5.23 28.28 9.01
CA LYS B 128 4.81 29.14 7.90
C LYS B 128 5.29 30.55 8.16
N GLN B 129 5.19 31.00 9.41
CA GLN B 129 5.62 32.33 9.76
C GLN B 129 7.06 32.41 10.25
N LEU B 130 7.74 31.27 10.50
CA LEU B 130 9.17 31.26 10.83
C LEU B 130 10.04 31.21 9.57
N TYR B 131 9.71 30.35 8.59
CA TYR B 131 10.61 30.24 7.45
C TYR B 131 10.71 31.56 6.70
N GLN B 132 9.83 32.51 7.00
CA GLN B 132 9.89 33.81 6.36
C GLN B 132 11.09 34.61 6.85
N ILE B 133 11.35 34.57 8.15
CA ILE B 133 12.34 35.45 8.76
C ILE B 133 13.69 34.79 8.94
N LEU B 134 13.87 33.56 8.48
CA LEU B 134 15.12 32.86 8.74
C LEU B 134 16.23 33.46 7.89
N THR B 135 17.38 33.69 8.52
CA THR B 135 18.57 34.04 7.76
C THR B 135 19.28 32.78 7.24
N ASP B 136 20.27 33.00 6.39
CA ASP B 136 21.11 31.91 5.92
C ASP B 136 21.73 31.17 7.10
N PHE B 137 22.20 31.90 8.12
CA PHE B 137 22.79 31.22 9.27
C PHE B 137 21.71 30.46 10.03
N ASP B 138 20.58 31.11 10.32
CA ASP B 138 19.46 30.47 10.99
C ASP B 138 19.18 29.08 10.42
N ILE B 139 19.18 28.97 9.09
CA ILE B 139 18.77 27.75 8.41
C ILE B 139 19.84 26.68 8.54
N ARG B 140 21.10 27.08 8.40
CA ARG B 140 22.20 26.16 8.62
C ARG B 140 22.16 25.60 10.03
N PHE B 141 21.81 26.45 11.02
CA PHE B 141 21.83 26.10 12.43
C PHE B 141 20.70 25.15 12.78
N TYR B 142 19.49 25.45 12.31
CA TYR B 142 18.37 24.61 12.68
C TYR B 142 18.35 23.30 11.92
N MET B 143 18.78 23.31 10.68
CA MET B 143 18.94 22.07 9.94
C MET B 143 20.01 21.20 10.57
N TYR B 144 21.11 21.80 11.01
CA TYR B 144 22.14 21.05 11.71
C TYR B 144 21.56 20.37 12.95
N GLU B 145 20.86 21.14 13.79
CA GLU B 145 20.22 20.57 14.96
C GLU B 145 19.25 19.46 14.58
N LEU B 146 18.61 19.57 13.42
CA LEU B 146 17.68 18.51 13.04
C LEU B 146 18.44 17.26 12.68
N LEU B 147 19.59 17.44 12.02
CA LEU B 147 20.44 16.31 11.67
C LEU B 147 20.92 15.57 12.91
N LYS B 148 21.34 16.29 13.95
CA LYS B 148 21.69 15.64 15.22
C LYS B 148 20.59 14.68 15.65
N ALA B 149 19.33 15.09 15.55
CA ALA B 149 18.24 14.24 16.01
C ALA B 149 18.09 13.01 15.13
N LEU B 150 18.21 13.18 13.81
CA LEU B 150 18.05 12.05 12.91
C LEU B 150 19.22 11.06 13.01
N ASP B 151 20.46 11.55 13.09
CA ASP B 151 21.57 10.63 13.28
C ASP B 151 21.47 9.86 14.61
N TYR B 152 20.97 10.52 15.66
CA TYR B 152 20.69 9.82 16.90
C TYR B 152 19.67 8.73 16.69
N CYS B 153 18.46 9.06 16.21
CA CYS B 153 17.47 8.02 16.10
C CYS B 153 17.86 6.93 15.10
N HIS B 154 18.64 7.27 14.07
CA HIS B 154 19.10 6.26 13.10
C HIS B 154 20.13 5.32 13.74
N SER B 155 21.09 5.90 14.45
CA SER B 155 22.01 5.13 15.26
C SER B 155 21.30 4.24 16.27
N LYS B 156 20.08 4.59 16.66
CA LYS B 156 19.26 3.79 17.56
C LYS B 156 18.32 2.83 16.82
N GLY B 157 18.53 2.60 15.55
CA GLY B 157 17.75 1.64 14.83
C GLY B 157 16.34 2.05 14.49
N ILE B 158 16.09 3.36 14.37
CA ILE B 158 14.74 3.81 14.14
C ILE B 158 14.68 4.82 12.99
N MET B 159 13.66 4.64 12.13
CA MET B 159 13.27 5.59 11.09
C MET B 159 12.06 6.40 11.58
N HIS B 160 12.13 7.72 11.41
CA HIS B 160 11.02 8.57 11.82
C HIS B 160 9.86 8.41 10.85
N ARG B 161 10.15 8.48 9.56
CA ARG B 161 9.17 8.29 8.50
C ARG B 161 8.06 9.33 8.47
N ASP B 162 8.18 10.42 9.18
CA ASP B 162 7.19 11.51 9.03
C ASP B 162 7.88 12.85 9.21
N VAL B 163 9.04 13.00 8.61
CA VAL B 163 9.71 14.28 8.63
C VAL B 163 8.99 15.24 7.69
N LYS B 164 8.73 16.44 8.21
CA LYS B 164 7.90 17.51 7.66
C LYS B 164 7.97 18.67 8.65
N PRO B 165 7.92 19.92 8.19
CA PRO B 165 8.01 21.03 9.14
C PRO B 165 7.01 20.95 10.29
N HIS B 166 5.81 20.41 10.09
CA HIS B 166 4.86 20.39 11.19
C HIS B 166 5.43 19.65 12.38
N ASN B 167 6.36 18.72 12.13
CA ASN B 167 6.88 17.81 13.14
C ASN B 167 8.24 18.22 13.64
N VAL B 168 8.68 19.42 13.35
CA VAL B 168 9.93 19.95 13.88
C VAL B 168 9.59 21.23 14.62
N MET B 169 9.38 21.10 15.92
CA MET B 169 9.15 22.23 16.79
C MET B 169 10.43 23.04 16.92
N ILE B 170 10.35 24.35 16.73
CA ILE B 170 11.46 25.24 17.12
C ILE B 170 11.00 26.37 18.01
N ASP B 171 11.55 26.44 19.23
CA ASP B 171 11.55 27.64 20.05
C ASP B 171 12.62 28.61 19.54
N HIS B 172 12.20 29.59 18.74
CA HIS B 172 13.17 30.43 18.03
C HIS B 172 13.88 31.40 18.96
N GLN B 173 13.27 31.71 20.12
CA GLN B 173 13.89 32.61 21.07
C GLN B 173 15.03 31.92 21.79
N GLN B 174 14.78 30.72 22.27
CA GLN B 174 15.78 29.92 22.94
C GLN B 174 16.64 29.13 21.97
N LYS B 175 16.23 29.01 20.72
CA LYS B 175 16.97 28.23 19.75
C LYS B 175 17.00 26.77 20.18
N LYS B 176 15.86 26.30 20.73
CA LYS B 176 15.60 24.89 21.01
C LYS B 176 14.97 24.26 19.78
N LEU B 177 15.45 23.07 19.39
CA LEU B 177 14.78 22.27 18.36
C LEU B 177 14.46 20.88 18.87
N ARG B 178 13.22 20.43 18.62
CA ARG B 178 12.73 19.13 19.07
C ARG B 178 11.94 18.47 17.95
N LEU B 179 12.34 17.26 17.55
CA LEU B 179 11.62 16.49 16.54
C LEU B 179 10.57 15.64 17.24
N ILE B 180 9.34 15.72 16.73
CA ILE B 180 8.16 15.22 17.42
C ILE B 180 7.42 14.27 16.49
N ASP B 181 6.33 13.68 17.01
CA ASP B 181 5.37 12.75 16.38
C ASP B 181 5.95 11.41 15.90
N TRP B 182 6.15 10.47 16.82
CA TRP B 182 6.81 9.21 16.47
C TRP B 182 5.82 8.05 16.31
N GLY B 183 4.53 8.36 16.12
CA GLY B 183 3.43 7.40 15.83
C GLY B 183 3.57 6.67 14.50
N LEU B 184 4.55 7.05 13.71
CA LEU B 184 4.85 6.33 12.45
C LEU B 184 6.25 5.78 12.40
N ALA B 185 7.08 6.15 13.35
CA ALA B 185 8.44 5.69 13.41
C ALA B 185 8.47 4.15 13.55
N GLU B 186 9.56 3.55 13.06
CA GLU B 186 9.65 2.10 12.98
C GLU B 186 11.11 1.69 13.09
N PHE B 187 11.30 0.43 13.54
CA PHE B 187 12.63 -0.16 13.71
C PHE B 187 13.18 -0.64 12.40
N TYR B 188 14.39 -0.26 12.06
CA TYR B 188 15.01 -0.81 10.85
C TYR B 188 15.56 -2.20 11.13
N HIS B 189 15.17 -3.14 10.26
CA HIS B 189 15.69 -4.51 10.15
C HIS B 189 15.99 -4.87 8.70
N PRO B 190 17.21 -5.35 8.42
CA PRO B 190 17.59 -5.66 7.02
C PRO B 190 16.66 -6.64 6.31
N ALA B 191 16.33 -6.28 5.06
CA ALA B 191 15.42 -6.95 4.13
C ALA B 191 13.95 -6.95 4.59
N GLN B 192 13.61 -6.30 5.69
CA GLN B 192 12.20 -6.19 6.02
C GLN B 192 11.47 -5.27 5.01
N GLU B 193 10.26 -5.64 4.65
CA GLU B 193 9.41 -4.85 3.79
C GLU B 193 8.40 -4.07 4.61
N TYR B 194 8.55 -2.75 4.65
CA TYR B 194 7.69 -1.84 5.38
C TYR B 194 6.52 -1.30 4.57
N ASN B 195 5.48 -0.93 5.30
CA ASN B 195 4.37 -0.20 4.76
C ASN B 195 4.88 1.08 4.10
N VAL B 196 4.26 1.45 2.98
CA VAL B 196 4.64 2.65 2.24
C VAL B 196 3.77 3.86 2.56
N ARG B 197 2.63 3.64 3.21
CA ARG B 197 1.74 4.72 3.55
C ARG B 197 2.24 5.51 4.76
N VAL B 198 3.41 6.14 4.63
CA VAL B 198 4.03 6.94 5.68
C VAL B 198 4.53 8.25 5.06
N ALA B 199 4.75 9.25 5.93
CA ALA B 199 5.22 10.59 5.60
C ALA B 199 4.13 11.39 4.85
N SER B 200 4.20 12.72 4.83
CA SER B 200 3.27 13.47 4.00
C SER B 200 3.67 13.44 2.53
N ARG B 201 2.66 13.37 1.65
CA ARG B 201 2.81 13.55 0.21
C ARG B 201 4.04 14.36 -0.16
N TYR B 202 4.16 15.59 0.34
CA TYR B 202 5.14 16.50 -0.23
C TYR B 202 6.57 16.09 0.07
N PHE B 203 6.73 15.18 1.04
CA PHE B 203 8.00 14.80 1.64
C PHE B 203 8.29 13.33 1.42
N LYS B 204 7.41 12.63 0.73
CA LYS B 204 7.56 11.23 0.45
C LYS B 204 8.68 10.98 -0.57
N GLY B 205 9.51 9.97 -0.31
CA GLY B 205 10.59 9.65 -1.21
C GLY B 205 10.14 8.90 -2.44
N PRO B 206 10.92 8.98 -3.51
CA PRO B 206 10.64 8.13 -4.68
C PRO B 206 10.30 6.71 -4.30
N GLU B 207 10.98 6.17 -3.28
CA GLU B 207 10.78 4.76 -2.98
C GLU B 207 9.35 4.50 -2.53
N LEU B 208 8.76 5.43 -1.76
CA LEU B 208 7.36 5.33 -1.39
C LEU B 208 6.45 5.45 -2.61
N LEU B 209 6.70 6.45 -3.47
CA LEU B 209 5.82 6.68 -4.62
C LEU B 209 5.85 5.53 -5.61
N VAL B 210 6.94 4.75 -5.67
CA VAL B 210 7.06 3.61 -6.57
C VAL B 210 6.87 2.29 -5.86
N ASP B 211 6.56 2.30 -4.57
CA ASP B 211 6.23 1.09 -3.82
C ASP B 211 7.44 0.20 -3.66
N TYR B 212 8.62 0.77 -3.48
CA TYR B 212 9.74 -0.03 -3.04
C TYR B 212 9.63 -0.15 -1.52
N GLN B 213 9.48 -1.38 -1.01
CA GLN B 213 9.19 -1.55 0.42
C GLN B 213 10.40 -1.73 1.29
N MET B 214 11.55 -2.06 0.71
CA MET B 214 12.75 -2.37 1.47
C MET B 214 13.58 -1.12 1.70
N TYR B 215 12.92 -0.13 2.29
CA TYR B 215 13.57 1.15 2.48
C TYR B 215 14.28 1.24 3.81
N ASP B 216 14.79 2.41 4.14
CA ASP B 216 15.49 2.51 5.41
C ASP B 216 15.53 3.96 5.88
N TYR B 217 16.46 4.26 6.79
CA TYR B 217 16.75 5.60 7.28
C TYR B 217 16.84 6.64 6.16
N SER B 218 17.33 6.22 5.01
CA SER B 218 17.59 7.18 3.96
C SER B 218 16.30 7.84 3.52
N LEU B 219 15.15 7.21 3.78
CA LEU B 219 13.86 7.85 3.56
C LEU B 219 13.75 9.22 4.27
N ASP B 220 14.13 9.29 5.55
CA ASP B 220 14.11 10.55 6.30
C ASP B 220 14.97 11.63 5.66
N MET B 221 16.05 11.25 4.97
CA MET B 221 16.95 12.22 4.36
C MET B 221 16.35 12.84 3.09
N TRP B 222 15.51 12.12 2.37
CA TRP B 222 14.75 12.74 1.30
C TRP B 222 13.85 13.81 1.88
N SER B 223 12.99 13.38 2.81
CA SER B 223 12.16 14.31 3.54
C SER B 223 12.97 15.51 3.95
N LEU B 224 14.07 15.29 4.64
CA LEU B 224 14.91 16.40 5.04
C LEU B 224 15.36 17.24 3.84
N GLY B 225 15.73 16.59 2.73
CA GLY B 225 16.11 17.32 1.52
C GLY B 225 14.98 18.22 1.04
N CYS B 226 13.78 17.67 0.92
CA CYS B 226 12.58 18.44 0.63
C CYS B 226 12.50 19.69 1.48
N MET B 227 12.91 19.57 2.73
CA MET B 227 12.72 20.68 3.68
C MET B 227 13.78 21.75 3.45
N LEU B 228 15.02 21.31 3.23
CA LEU B 228 16.08 22.27 2.94
C LEU B 228 15.72 23.10 1.70
N ALA B 229 15.25 22.45 0.66
CA ALA B 229 14.94 23.16 -0.59
C ALA B 229 13.89 24.24 -0.35
N SER B 230 12.81 23.90 0.34
CA SER B 230 11.77 24.88 0.66
C SER B 230 12.27 26.02 1.53
N MET B 231 13.25 25.74 2.40
CA MET B 231 13.82 26.74 3.29
C MET B 231 14.77 27.70 2.57
N ILE B 232 15.64 27.21 1.67
CA ILE B 232 16.58 28.10 1.04
C ILE B 232 15.99 28.69 -0.23
N PHE B 233 15.00 28.04 -0.81
CA PHE B 233 14.39 28.54 -2.03
C PHE B 233 13.10 29.30 -1.76
N ARG B 234 12.57 29.16 -0.56
CA ARG B 234 11.33 29.81 -0.09
C ARG B 234 10.14 29.40 -0.93
N ARG B 235 10.18 28.23 -1.52
CA ARG B 235 9.02 27.57 -2.11
C ARG B 235 8.63 26.43 -1.15
N GLU B 236 7.60 26.63 -0.33
CA GLU B 236 7.17 25.65 0.69
C GLU B 236 5.72 25.25 0.49
N PRO B 237 5.40 23.97 0.27
CA PRO B 237 6.29 22.81 0.13
C PRO B 237 7.08 22.93 -1.18
N PHE B 238 8.17 22.18 -1.31
CA PHE B 238 8.99 22.37 -2.49
C PHE B 238 8.47 21.57 -3.68
N PHE B 239 7.99 20.37 -3.44
CA PHE B 239 7.38 19.54 -4.47
C PHE B 239 5.93 19.45 -4.03
N HIS B 240 5.06 20.18 -4.70
CA HIS B 240 3.68 20.32 -4.31
C HIS B 240 2.78 19.43 -5.16
N GLY B 241 2.95 18.14 -5.00
CA GLY B 241 2.09 17.20 -5.70
C GLY B 241 0.67 17.24 -5.17
N GLN B 242 -0.28 17.01 -6.08
CA GLN B 242 -1.70 16.90 -5.78
C GLN B 242 -2.13 15.47 -5.50
N ASP B 243 -1.25 14.51 -5.72
CA ASP B 243 -1.57 13.10 -5.53
C ASP B 243 -0.27 12.37 -5.77
N ASN B 244 -0.24 11.06 -5.69
CA ASN B 244 1.07 10.41 -5.69
C ASN B 244 1.69 10.45 -7.07
N TYR B 245 0.89 10.21 -8.11
CA TYR B 245 1.38 10.36 -9.47
C TYR B 245 1.99 11.74 -9.67
N ASP B 246 1.22 12.79 -9.38
CA ASP B 246 1.66 14.15 -9.62
C ASP B 246 2.87 14.49 -8.78
N GLN B 247 2.97 13.94 -7.58
CA GLN B 247 4.20 14.15 -6.82
C GLN B 247 5.42 13.64 -7.58
N LEU B 248 5.37 12.43 -8.12
CA LEU B 248 6.56 11.91 -8.77
C LEU B 248 6.92 12.78 -9.97
N VAL B 249 5.90 13.18 -10.72
CA VAL B 249 6.05 14.21 -11.76
C VAL B 249 6.81 15.42 -11.22
N ARG B 250 6.32 16.03 -10.14
CA ARG B 250 6.97 17.24 -9.67
C ARG B 250 8.44 17.01 -9.48
N ILE B 251 8.76 15.88 -8.85
CA ILE B 251 10.15 15.50 -8.63
C ILE B 251 10.86 15.32 -9.95
N ALA B 252 10.24 14.55 -10.82
CA ALA B 252 10.81 14.22 -12.12
C ALA B 252 11.13 15.46 -12.97
N LYS B 253 10.31 16.50 -12.92
CA LYS B 253 10.64 17.71 -13.70
C LYS B 253 11.93 18.36 -13.23
N VAL B 254 12.27 18.16 -11.96
CA VAL B 254 13.49 18.74 -11.42
C VAL B 254 14.65 17.78 -11.56
N LEU B 255 14.47 16.54 -11.12
CA LEU B 255 15.58 15.62 -11.12
C LEU B 255 15.84 15.02 -12.49
N GLY B 256 14.89 15.16 -13.42
CA GLY B 256 15.11 14.51 -14.70
C GLY B 256 14.62 13.09 -14.70
N THR B 257 14.11 12.67 -15.83
CA THR B 257 13.58 11.32 -15.95
C THR B 257 14.65 10.29 -16.30
N GLU B 258 15.84 10.70 -16.74
CA GLU B 258 16.88 9.72 -17.00
C GLU B 258 17.26 9.02 -15.71
N GLU B 259 17.61 9.80 -14.70
CA GLU B 259 18.00 9.19 -13.43
C GLU B 259 16.85 8.37 -12.86
N LEU B 260 15.61 8.81 -13.09
CA LEU B 260 14.47 8.03 -12.61
C LEU B 260 14.49 6.62 -13.17
N TYR B 261 14.40 6.49 -14.51
CA TYR B 261 14.43 5.16 -15.10
C TYR B 261 15.70 4.41 -14.70
N GLY B 262 16.79 5.11 -14.43
CA GLY B 262 17.97 4.43 -13.93
C GLY B 262 17.73 3.74 -12.61
N TYR B 263 17.12 4.46 -11.65
CA TYR B 263 16.74 3.98 -10.33
C TYR B 263 15.81 2.78 -10.42
N LEU B 264 14.80 2.86 -11.28
CA LEU B 264 13.87 1.76 -11.41
C LEU B 264 14.60 0.52 -11.90
N LYS B 265 15.28 0.66 -13.04
CA LYS B 265 16.14 -0.38 -13.54
C LYS B 265 16.97 -1.02 -12.42
N LYS B 266 17.66 -0.20 -11.63
CA LYS B 266 18.58 -0.73 -10.62
C LYS B 266 17.88 -1.68 -9.65
N TYR B 267 16.69 -1.31 -9.19
CA TYR B 267 15.99 -2.04 -8.15
C TYR B 267 14.89 -2.94 -8.71
N HIS B 268 14.80 -3.09 -10.03
CA HIS B 268 13.85 -4.02 -10.65
C HIS B 268 12.42 -3.63 -10.31
N ILE B 269 12.16 -2.36 -10.31
CA ILE B 269 10.83 -1.86 -10.00
C ILE B 269 10.04 -1.77 -11.28
N ASP B 270 8.80 -2.21 -11.20
CA ASP B 270 7.93 -2.37 -12.35
C ASP B 270 6.89 -1.25 -12.33
N LEU B 271 6.94 -0.38 -13.32
CA LEU B 271 6.15 0.83 -13.32
C LEU B 271 4.73 0.58 -13.81
N ASP B 272 3.80 1.36 -13.29
CA ASP B 272 2.41 1.26 -13.72
C ASP B 272 2.28 1.83 -15.13
N PRO B 273 1.81 1.07 -16.11
CA PRO B 273 1.78 1.59 -17.49
C PRO B 273 1.09 2.95 -17.60
N HIS B 274 0.03 3.17 -16.82
CA HIS B 274 -0.61 4.49 -16.76
C HIS B 274 0.41 5.63 -16.61
N PHE B 275 1.65 5.33 -16.21
CA PHE B 275 2.62 6.34 -15.83
C PHE B 275 3.58 6.74 -16.94
N ASN B 276 4.19 5.79 -17.65
CA ASN B 276 5.14 6.11 -18.71
C ASN B 276 4.53 7.06 -19.74
N ASP B 277 3.23 7.30 -19.60
CA ASP B 277 2.49 8.29 -20.39
C ASP B 277 2.60 9.69 -19.78
N ILE B 278 2.14 9.87 -18.54
CA ILE B 278 2.13 11.21 -17.97
C ILE B 278 3.51 11.67 -17.55
N LEU B 279 4.47 10.76 -17.41
CA LEU B 279 5.83 11.17 -17.12
C LEU B 279 6.47 11.82 -18.34
N GLY B 280 6.38 11.15 -19.49
CA GLY B 280 7.13 11.68 -20.58
C GLY B 280 8.59 11.71 -20.17
N GLN B 281 9.33 12.59 -20.84
CA GLN B 281 10.75 12.77 -20.61
C GLN B 281 10.98 14.20 -20.18
N HIS B 282 11.90 14.37 -19.24
CA HIS B 282 12.27 15.69 -18.75
C HIS B 282 13.76 15.70 -18.49
N SER B 283 14.37 16.85 -18.67
CA SER B 283 15.79 16.99 -18.38
C SER B 283 15.98 17.35 -16.93
N ARG B 284 17.12 16.92 -16.39
CA ARG B 284 17.58 17.44 -15.12
C ARG B 284 17.68 18.96 -15.15
N LYS B 285 17.19 19.61 -14.10
CA LYS B 285 17.30 21.05 -14.02
C LYS B 285 18.47 21.41 -13.13
N ARG B 286 18.95 22.64 -13.31
CA ARG B 286 19.99 23.20 -12.45
C ARG B 286 19.35 23.80 -11.20
N TRP B 287 19.85 23.41 -10.01
CA TRP B 287 19.33 24.07 -8.81
C TRP B 287 19.48 25.59 -8.96
N GLU B 288 20.23 26.07 -9.96
CA GLU B 288 20.32 27.52 -10.16
C GLU B 288 18.98 28.10 -10.55
N ASN B 289 18.24 27.38 -11.38
CA ASN B 289 16.97 27.85 -11.93
C ASN B 289 15.95 28.30 -10.89
N PHE B 290 16.16 27.97 -9.62
CA PHE B 290 15.22 28.30 -8.56
C PHE B 290 15.63 29.55 -7.86
N ILE B 291 16.79 30.10 -8.16
CA ILE B 291 17.24 31.29 -7.46
C ILE B 291 16.57 32.51 -8.07
N HIS B 292 16.16 33.45 -7.20
CA HIS B 292 15.65 34.74 -7.64
C HIS B 292 15.86 35.73 -6.51
N SER B 293 15.61 37.01 -6.81
CA SER B 293 15.92 38.09 -5.87
C SER B 293 15.40 37.81 -4.48
N GLU B 294 14.30 37.09 -4.35
CA GLU B 294 13.72 36.89 -3.03
C GLU B 294 14.46 35.84 -2.19
N ASN B 295 15.29 34.96 -2.79
CA ASN B 295 15.95 33.89 -2.03
C ASN B 295 17.45 33.73 -2.28
N ARG B 296 18.05 34.56 -3.14
CA ARG B 296 19.50 34.51 -3.37
C ARG B 296 20.30 34.74 -2.09
N HIS B 297 19.73 35.45 -1.10
CA HIS B 297 20.53 35.67 0.08
C HIS B 297 20.67 34.40 0.91
N LEU B 298 19.98 33.32 0.52
CA LEU B 298 19.89 32.06 1.27
C LEU B 298 20.56 30.90 0.57
N VAL B 299 20.88 31.04 -0.67
CA VAL B 299 21.53 29.99 -1.42
C VAL B 299 23.02 30.21 -1.33
N SER B 300 23.74 29.12 -1.55
CA SER B 300 25.17 29.03 -1.44
C SER B 300 25.55 27.97 -2.45
N PRO B 301 26.76 27.98 -2.97
CA PRO B 301 27.23 26.76 -3.62
C PRO B 301 27.25 25.57 -2.67
N GLU B 302 27.63 25.77 -1.40
CA GLU B 302 27.53 24.70 -0.39
C GLU B 302 26.12 24.10 -0.33
N ALA B 303 25.12 24.95 0.02
CA ALA B 303 23.74 24.48 0.19
C ALA B 303 23.22 23.73 -1.03
N LEU B 304 23.54 24.22 -2.23
CA LEU B 304 23.08 23.51 -3.41
C LEU B 304 23.79 22.17 -3.55
N ASP B 305 25.05 22.09 -3.16
CA ASP B 305 25.76 20.82 -3.24
C ASP B 305 25.16 19.79 -2.29
N LEU B 306 24.81 20.24 -1.08
CA LEU B 306 24.22 19.30 -0.11
C LEU B 306 22.87 18.83 -0.60
N LEU B 307 22.04 19.79 -1.05
CA LEU B 307 20.76 19.48 -1.66
C LEU B 307 20.89 18.38 -2.69
N ASP B 308 21.85 18.53 -3.62
CA ASP B 308 22.01 17.56 -4.69
C ASP B 308 22.47 16.21 -4.17
N LYS B 309 23.20 16.20 -3.08
CA LYS B 309 23.49 14.93 -2.46
C LYS B 309 22.37 14.41 -1.57
N LEU B 310 21.35 15.23 -1.28
CA LEU B 310 20.20 14.70 -0.57
C LEU B 310 19.08 14.24 -1.46
N LEU B 311 18.66 15.08 -2.39
CA LEU B 311 17.53 14.76 -3.23
C LEU B 311 18.04 13.93 -4.41
N ARG B 312 18.40 12.71 -4.08
CA ARG B 312 18.70 11.68 -5.06
C ARG B 312 17.55 10.69 -5.11
N TYR B 313 17.21 10.27 -6.33
CA TYR B 313 16.30 9.16 -6.51
C TYR B 313 16.75 7.95 -5.68
N ASP B 314 17.96 7.44 -5.96
CA ASP B 314 18.49 6.25 -5.30
C ASP B 314 18.61 6.47 -3.80
N HIS B 315 17.69 5.90 -3.03
CA HIS B 315 17.76 6.06 -1.57
C HIS B 315 19.13 5.64 -1.05
N GLN B 316 19.69 4.55 -1.57
CA GLN B 316 20.94 4.03 -1.05
C GLN B 316 22.11 4.98 -1.27
N GLN B 317 22.03 5.89 -2.24
CA GLN B 317 23.12 6.80 -2.55
C GLN B 317 22.96 8.16 -1.90
N ARG B 318 21.86 8.43 -1.20
CA ARG B 318 21.71 9.67 -0.45
C ARG B 318 22.69 9.75 0.72
N LEU B 319 23.02 10.97 1.09
CA LEU B 319 23.86 11.17 2.26
C LEU B 319 23.19 10.62 3.52
N THR B 320 24.01 10.14 4.44
CA THR B 320 23.53 9.76 5.76
C THR B 320 23.45 11.02 6.59
N ALA B 321 22.75 10.95 7.72
CA ALA B 321 22.66 12.16 8.54
C ALA B 321 24.03 12.64 9.01
N LYS B 322 24.99 11.74 9.19
CA LYS B 322 26.28 12.15 9.71
C LYS B 322 27.24 12.64 8.62
N GLU B 323 27.28 11.99 7.45
CA GLU B 323 27.82 12.62 6.26
C GLU B 323 27.31 14.05 6.09
N ALA B 324 26.02 14.27 6.31
CA ALA B 324 25.42 15.59 6.06
C ALA B 324 25.89 16.63 7.07
N MET B 325 26.03 16.24 8.35
CA MET B 325 26.60 17.10 9.37
C MET B 325 28.04 17.49 9.09
N GLU B 326 28.77 16.70 8.31
CA GLU B 326 30.15 17.01 7.95
C GLU B 326 30.27 17.79 6.65
N HIS B 327 29.15 18.12 6.00
CA HIS B 327 29.19 18.87 4.75
C HIS B 327 29.60 20.30 4.99
N PRO B 328 30.40 20.87 4.10
CA PRO B 328 30.80 22.29 4.24
C PRO B 328 29.68 23.30 4.51
N TYR B 329 28.46 23.06 4.05
CA TYR B 329 27.36 23.98 4.32
C TYR B 329 27.23 24.34 5.80
N PHE B 330 27.55 23.39 6.70
CA PHE B 330 27.36 23.57 8.13
C PHE B 330 28.59 24.06 8.84
N TYR B 331 29.72 24.18 8.15
CA TYR B 331 30.91 24.76 8.76
C TYR B 331 30.66 26.05 9.54
N PRO B 332 29.80 26.97 9.11
CA PRO B 332 29.56 28.15 9.96
C PRO B 332 28.99 27.84 11.33
N VAL B 333 28.27 26.72 11.48
CA VAL B 333 27.63 26.37 12.75
C VAL B 333 28.60 25.64 13.66
N VAL B 334 29.57 24.92 13.09
CA VAL B 334 30.50 24.10 13.87
C VAL B 334 31.64 24.95 14.42
N LYS B 335 31.93 26.11 13.80
CA LYS B 335 32.93 27.02 14.33
C LYS B 335 32.36 27.92 15.44
N GLU B 336 31.05 28.22 15.40
CA GLU B 336 30.35 28.85 16.52
C GLU B 336 29.81 27.82 17.52
N GLN B 337 30.25 26.56 17.39
CA GLN B 337 29.87 25.51 18.33
C GLN B 337 31.10 24.64 18.58
C01 8BH C . -3.88 -14.53 -23.67
C02 8BH C . -3.43 -13.17 -23.76
C03 8BH C . -4.59 -15.11 -24.79
C04 8BH C . -3.70 -12.37 -24.89
C05 8BH C . -4.88 -14.31 -25.94
C06 8BH C . -4.45 -12.96 -25.94
C07 8BH C . -3.35 -14.97 -22.32
C08 8BH C . -2.66 -13.88 -21.69
C10 8BH C . -3.44 -16.28 -21.62
C11 8BH C . -4.04 -16.35 -20.36
C12 8BH C . -4.74 -15.05 -19.81
C14 8BH C . -4.02 -17.82 -19.89
C15 8BH C . -4.48 -18.71 -20.86
C17 8BH C . -4.40 -19.99 -20.42
C19 8BH C . -4.99 -18.25 -22.22
N09 8BH C . -2.77 -12.96 -22.58
N13 8BH C . -5.40 -14.01 -19.49
N16 8BH C . -3.64 -18.56 -18.77
N18 8BH C . -3.89 -19.92 -19.13
N20 8BH C . -5.30 -17.76 -23.26
N21 8BH C . -4.80 -21.12 -21.28
C1 EDO D . -3.86 -28.14 12.00
O1 EDO D . -3.14 -27.40 10.97
C2 EDO D . -3.87 -27.27 13.26
O2 EDO D . -4.05 -25.90 12.75
C1 EDO E . -1.13 -25.27 11.74
O1 EDO E . -0.77 -26.61 11.37
C2 EDO E . -1.26 -24.37 10.51
O2 EDO E . -2.37 -25.04 9.79
C1 EDO F . -0.40 -4.19 3.62
O1 EDO F . 0.03 -5.05 2.47
C2 EDO F . 0.79 -3.24 3.78
O2 EDO F . 1.93 -3.60 2.94
C1 EDO G . -5.80 -6.15 9.46
O1 EDO G . -4.58 -5.55 8.89
C2 EDO G . -5.51 -7.09 10.66
O2 EDO G . -4.14 -7.39 10.37
C1 EDO H . -23.16 12.91 -2.37
O1 EDO H . -24.32 13.19 -1.52
C2 EDO H . -23.03 13.24 -3.84
O2 EDO H . -22.08 12.06 -4.03
C1 EDO I . -24.50 8.36 -10.47
O1 EDO I . -25.39 8.30 -9.28
C2 EDO I . -25.01 9.25 -11.63
O2 EDO I . -25.75 8.38 -12.57
C1 EDO J . -6.47 11.16 -6.85
O1 EDO J . -5.42 10.17 -6.61
C2 EDO J . -6.50 11.15 -8.34
O2 EDO J . -5.25 10.50 -8.63
C01 8BH K . 2.69 23.90 20.15
C02 8BH K . 1.95 24.77 19.29
C03 8BH K . 3.28 24.56 21.26
C04 8BH K . 1.75 26.13 19.47
C05 8BH K . 3.11 25.96 21.44
C06 8BH K . 2.34 26.77 20.55
C07 8BH K . 2.62 22.49 19.51
C08 8BH K . 1.82 22.71 18.42
C10 8BH K . 3.18 21.08 19.95
C11 8BH K . 2.81 19.85 19.39
C12 8BH K . 1.84 19.86 18.23
C14 8BH K . 3.42 18.51 19.92
C15 8BH K . 3.19 17.16 19.58
C17 8BH K . 4.01 16.36 20.37
C19 8BH K . 2.22 16.60 18.54
N09 8BH K . 1.53 23.95 18.41
N13 8BH K . 1.14 19.87 17.28
N16 8BH K . 4.37 18.49 20.89
N18 8BH K . 4.74 17.16 21.19
N20 8BH K . 1.47 16.17 17.70
N21 8BH K . 4.12 14.94 20.32
C1 EDO L . 18.26 -8.13 -3.07
O1 EDO L . 18.15 -7.34 -1.86
C2 EDO L . 17.94 -7.13 -4.15
O2 EDO L . 17.28 -6.02 -3.48
C1 EDO M . 27.13 1.48 10.28
O1 EDO M . 27.50 0.73 11.50
C2 EDO M . 27.98 0.97 9.10
O2 EDO M . 28.81 -0.03 9.75
C1 EDO N . 20.79 30.61 15.09
O1 EDO N . 20.95 31.20 16.42
C2 EDO N . 19.29 30.31 14.92
O2 EDO N . 18.50 31.57 14.76
C1 EDO O . 19.65 17.38 -9.69
O1 EDO O . 19.34 17.47 -8.27
C2 EDO O . 18.92 18.58 -10.26
O2 EDO O . 18.52 19.37 -9.09
C1 EDO P . -1.95 11.13 -1.58
O1 EDO P . -0.83 10.81 -2.46
C2 EDO P . -3.13 11.22 -2.55
O2 EDO P . -2.71 10.21 -3.54
#